data_8TX9
#
_entry.id   8TX9
#
_cell.length_a   147.577
_cell.length_b   147.577
_cell.length_c   82.311
_cell.angle_alpha   90.000
_cell.angle_beta   90.000
_cell.angle_gamma   90.000
#
_symmetry.space_group_name_H-M   'I 4'
#
loop_
_entity.id
_entity.type
_entity.pdbx_description
1 polymer 'MurR/RpiR family transcriptional regulator'
2 non-polymer 2-acetamido-2-deoxy-6-O-phosphono-alpha-D-mannopyranose
3 non-polymer 'SODIUM ION'
4 water water
#
_entity_poly.entity_id   1
_entity_poly.type   'polypeptide(L)'
_entity_poly.pdbx_seq_one_letter_code
;MDKPDIATIIDSHFEEMTDLEQEIARYFLQAETITDDLSSQQVTQKLHISQAALTRFAKKCGFTGYREFIFQYQHQAENQ
ANQVSKHSPLTKRVLRSYSNMREQTQDLIDEIQLERIAQLIEDAERIYFFGTGSSGLVAREMKLRFMRLGVVCEALTDQD
GFAWTTSIMDENCLVLGFSLSGSTPSILDSLLDAKEMGAKTVLFTSVPNKDSQTYTETVLVATHSQPSYIQRISAQLPML
FFIDLIYAYFLEINRESKEKIFNSYWENKKLNGYRRQKRVRKS
;
_entity_poly.pdbx_strand_id   A,C,D,B
#
loop_
_chem_comp.id
_chem_comp.type
_chem_comp.name
_chem_comp.formula
BMX D-saccharide, alpha linking 2-acetamido-2-deoxy-6-O-phosphono-alpha-D-mannopyranose 'C8 H16 N O9 P'
NA non-polymer 'SODIUM ION' 'Na 1'
#
# COMPACT_ATOMS: atom_id res chain seq x y z
N HIS A 87 24.85 -23.13 14.67
CA HIS A 87 26.26 -23.55 14.77
C HIS A 87 27.18 -22.33 14.59
N SER A 88 27.08 -21.62 13.47
CA SER A 88 27.92 -20.42 13.19
C SER A 88 27.72 -19.39 14.29
N PRO A 89 28.66 -18.44 14.46
CA PRO A 89 28.46 -17.38 15.46
C PRO A 89 27.29 -16.48 15.08
N LEU A 90 27.19 -16.07 13.82
CA LEU A 90 26.09 -15.21 13.35
C LEU A 90 24.78 -15.96 13.54
N THR A 91 24.71 -17.23 13.07
CA THR A 91 23.52 -18.08 13.26
C THR A 91 23.25 -18.21 14.75
N LYS A 92 24.29 -18.24 15.58
CA LYS A 92 24.17 -18.42 17.04
C LYS A 92 23.53 -17.18 17.65
N ARG A 93 23.99 -15.98 17.27
CA ARG A 93 23.48 -14.71 17.82
C ARG A 93 22.01 -14.56 17.50
N VAL A 94 21.59 -14.92 16.28
CA VAL A 94 20.18 -14.72 15.83
C VAL A 94 19.28 -15.66 16.61
N LEU A 95 19.64 -16.95 16.74
CA LEU A 95 18.77 -17.93 17.36
C LEU A 95 18.60 -17.74 18.86
N ARG A 96 19.59 -17.15 19.54
CA ARG A 96 19.36 -16.88 20.96
C ARG A 96 18.53 -15.61 21.15
N SER A 97 18.66 -14.64 20.23
CA SER A 97 17.72 -13.51 20.21
C SER A 97 16.29 -14.03 20.18
N TYR A 98 16.01 -14.99 19.27
CA TYR A 98 14.67 -15.58 19.17
C TYR A 98 14.27 -16.26 20.48
N SER A 99 15.10 -17.16 20.98
CA SER A 99 14.75 -17.93 22.17
C SER A 99 14.66 -17.09 23.46
N ASN A 100 15.48 -16.02 23.62
CA ASN A 100 15.39 -15.10 24.77
C ASN A 100 14.02 -14.38 24.80
N MET A 101 13.57 -13.86 23.64
CA MET A 101 12.27 -13.19 23.55
C MET A 101 11.10 -14.17 23.67
N ARG A 102 11.33 -15.46 23.37
CA ARG A 102 10.37 -16.52 23.69
C ARG A 102 10.26 -16.68 25.21
N GLU A 103 11.41 -16.66 25.91
CA GLU A 103 11.40 -16.81 27.36
C GLU A 103 10.89 -15.53 28.03
N GLN A 104 11.33 -14.36 27.56
CA GLN A 104 10.87 -13.11 28.19
C GLN A 104 9.38 -12.87 27.89
N THR A 105 8.95 -13.19 26.67
CA THR A 105 7.51 -13.18 26.35
C THR A 105 6.75 -14.10 27.30
N GLN A 106 7.19 -15.35 27.41
CA GLN A 106 6.54 -16.29 28.32
C GLN A 106 6.24 -15.60 29.64
N ASP A 107 7.18 -14.76 30.13
CA ASP A 107 7.02 -14.11 31.44
C ASP A 107 5.98 -13.00 31.45
N LEU A 108 5.82 -12.27 30.34
CA LEU A 108 5.05 -11.04 30.31
C LEU A 108 3.56 -11.27 30.08
N ILE A 109 3.17 -12.48 29.68
CA ILE A 109 1.77 -12.73 29.35
C ILE A 109 0.88 -12.51 30.56
N ASP A 110 -0.28 -11.93 30.32
CA ASP A 110 -1.39 -11.86 31.26
C ASP A 110 -2.57 -12.47 30.52
N GLU A 111 -2.80 -13.76 30.76
CA GLU A 111 -3.89 -14.49 30.12
C GLU A 111 -5.20 -13.72 30.21
N ILE A 112 -5.53 -13.04 31.33
CA ILE A 112 -6.85 -12.41 31.46
C ILE A 112 -6.95 -11.04 30.73
N GLN A 113 -5.85 -10.26 30.62
CA GLN A 113 -5.84 -9.02 29.84
C GLN A 113 -6.08 -9.31 28.36
N LEU A 114 -5.38 -10.33 27.82
CA LEU A 114 -5.55 -10.72 26.41
C LEU A 114 -6.95 -11.29 26.16
N GLU A 115 -7.47 -12.06 27.10
CA GLU A 115 -8.86 -12.51 27.03
C GLU A 115 -9.82 -11.32 27.02
N ARG A 116 -9.49 -10.27 27.78
CA ARG A 116 -10.32 -9.06 27.76
C ARG A 116 -10.23 -8.39 26.39
N ILE A 117 -9.01 -8.19 25.89
CA ILE A 117 -8.81 -7.50 24.63
C ILE A 117 -9.58 -8.24 23.53
N ALA A 118 -9.73 -9.57 23.69
CA ALA A 118 -10.50 -10.36 22.73
C ALA A 118 -11.99 -10.04 22.79
N GLN A 119 -12.54 -9.83 23.97
CA GLN A 119 -13.96 -9.48 24.02
C GLN A 119 -14.21 -8.08 23.45
N LEU A 120 -13.27 -7.14 23.62
CA LEU A 120 -13.44 -5.80 23.06
C LEU A 120 -13.52 -5.80 21.52
N ILE A 121 -12.80 -6.72 20.86
CA ILE A 121 -12.85 -6.79 19.39
C ILE A 121 -14.21 -7.30 18.95
N GLU A 122 -14.69 -8.37 19.59
CA GLU A 122 -16.04 -8.84 19.30
C GLU A 122 -17.04 -7.71 19.54
N ASP A 123 -16.88 -7.00 20.69
CA ASP A 123 -17.82 -5.98 21.11
C ASP A 123 -17.88 -4.83 20.12
N ALA A 124 -16.72 -4.41 19.63
CA ALA A 124 -16.68 -3.26 18.74
C ALA A 124 -17.37 -3.62 17.42
N GLU A 125 -17.88 -2.59 16.77
CA GLU A 125 -18.37 -2.74 15.39
C GLU A 125 -17.29 -2.45 14.36
N ARG A 126 -16.34 -1.58 14.69
CA ARG A 126 -15.30 -1.13 13.76
C ARG A 126 -14.00 -1.15 14.52
N ILE A 127 -13.01 -1.86 13.99
CA ILE A 127 -11.74 -2.01 14.67
C ILE A 127 -10.67 -1.43 13.79
N TYR A 128 -9.80 -0.64 14.37
CA TYR A 128 -8.72 -0.03 13.64
C TYR A 128 -7.39 -0.47 14.26
N PHE A 129 -6.40 -0.65 13.40
CA PHE A 129 -5.05 -1.01 13.79
C PHE A 129 -4.13 0.09 13.27
N PHE A 130 -3.36 0.70 14.16
CA PHE A 130 -2.48 1.80 13.81
C PHE A 130 -1.05 1.37 14.08
N GLY A 131 -0.14 1.66 13.16
CA GLY A 131 1.30 1.44 13.42
C GLY A 131 2.10 2.02 12.28
N THR A 132 3.36 2.31 12.56
CA THR A 132 4.27 2.83 11.54
C THR A 132 5.47 1.91 11.42
N GLY A 133 6.19 2.05 10.30
CA GLY A 133 7.35 1.21 10.06
C GLY A 133 6.98 -0.26 10.23
N SER A 134 7.82 -1.02 10.96
CA SER A 134 7.54 -2.45 11.15
C SER A 134 6.24 -2.67 11.91
N SER A 135 5.91 -1.76 12.83
CA SER A 135 4.64 -1.83 13.56
C SER A 135 3.41 -1.67 12.65
N GLY A 136 3.55 -0.94 11.54
CA GLY A 136 2.51 -0.95 10.51
C GLY A 136 2.28 -2.32 9.88
N LEU A 137 3.37 -3.11 9.71
CA LEU A 137 3.24 -4.46 9.12
C LEU A 137 2.45 -5.37 10.06
N VAL A 138 2.70 -5.23 11.37
CA VAL A 138 1.89 -5.96 12.33
C VAL A 138 0.42 -5.58 12.20
N ALA A 139 0.15 -4.26 12.11
CA ALA A 139 -1.22 -3.78 11.93
C ALA A 139 -1.88 -4.34 10.66
N ARG A 140 -1.12 -4.36 9.56
CA ARG A 140 -1.65 -4.99 8.33
C ARG A 140 -1.95 -6.47 8.55
N GLU A 141 -1.10 -7.18 9.33
CA GLU A 141 -1.42 -8.61 9.46
C GLU A 141 -2.66 -8.84 10.31
N MET A 142 -2.82 -8.11 11.42
CA MET A 142 -4.05 -8.25 12.18
C MET A 142 -5.26 -8.04 11.30
N LYS A 143 -5.25 -6.99 10.45
CA LYS A 143 -6.38 -6.77 9.54
C LYS A 143 -6.63 -8.01 8.68
N LEU A 144 -5.61 -8.52 8.04
CA LEU A 144 -5.79 -9.72 7.22
C LEU A 144 -6.43 -10.86 8.03
N ARG A 145 -5.91 -11.15 9.23
CA ARG A 145 -6.42 -12.32 9.96
C ARG A 145 -7.81 -12.11 10.57
N PHE A 146 -8.10 -10.90 11.04
CA PHE A 146 -9.40 -10.75 11.70
C PHE A 146 -10.54 -10.52 10.72
N MET A 147 -10.26 -9.85 9.60
CA MET A 147 -11.27 -9.74 8.54
C MET A 147 -11.73 -11.11 8.07
N ARG A 148 -10.82 -12.08 8.08
CA ARG A 148 -11.15 -13.43 7.64
C ARG A 148 -12.00 -14.15 8.68
N LEU A 149 -12.04 -13.65 9.91
CA LEU A 149 -12.99 -14.11 10.91
C LEU A 149 -14.26 -13.25 10.95
N GLY A 150 -14.40 -12.26 10.07
CA GLY A 150 -15.64 -11.52 9.93
C GLY A 150 -15.65 -10.13 10.52
N VAL A 151 -14.52 -9.66 10.99
CA VAL A 151 -14.43 -8.37 11.66
C VAL A 151 -14.31 -7.25 10.65
N VAL A 152 -15.07 -6.18 10.87
CA VAL A 152 -14.96 -4.94 10.13
C VAL A 152 -13.79 -4.14 10.68
N CYS A 153 -12.69 -4.04 9.92
CA CYS A 153 -11.47 -3.43 10.42
C CYS A 153 -10.67 -2.85 9.27
N GLU A 154 -9.66 -2.08 9.65
CA GLU A 154 -8.79 -1.36 8.72
C GLU A 154 -7.47 -1.06 9.40
N ALA A 155 -6.39 -1.16 8.66
CA ALA A 155 -5.08 -0.85 9.18
C ALA A 155 -4.62 0.44 8.56
N LEU A 156 -4.09 1.34 9.41
CA LEU A 156 -3.57 2.60 8.92
C LEU A 156 -2.10 2.70 9.26
N THR A 157 -1.32 3.32 8.39
CA THR A 157 0.10 3.41 8.65
C THR A 157 0.79 4.73 8.38
N ASP A 158 0.05 5.85 8.29
CA ASP A 158 0.65 7.19 8.36
C ASP A 158 -0.32 8.15 9.04
N GLN A 159 0.20 9.33 9.43
CA GLN A 159 -0.56 10.15 10.37
C GLN A 159 -1.87 10.66 9.77
N ASP A 160 -1.89 11.02 8.47
CA ASP A 160 -3.11 11.57 7.89
C ASP A 160 -4.24 10.55 7.95
N GLY A 161 -3.93 9.28 7.73
CA GLY A 161 -4.96 8.26 7.90
C GLY A 161 -5.44 8.18 9.34
N PHE A 162 -4.51 8.33 10.31
CA PHE A 162 -4.90 8.37 11.72
C PHE A 162 -5.87 9.53 11.95
N ALA A 163 -5.52 10.73 11.48
CA ALA A 163 -6.35 11.92 11.69
C ALA A 163 -7.74 11.76 11.10
N TRP A 164 -7.82 11.42 9.79
CA TRP A 164 -9.15 11.31 9.20
C TRP A 164 -9.92 10.16 9.79
N THR A 165 -9.23 9.09 10.17
CA THR A 165 -9.98 7.95 10.67
C THR A 165 -10.51 8.25 12.06
N THR A 166 -9.71 8.89 12.91
CA THR A 166 -10.20 9.16 14.26
C THR A 166 -11.44 10.08 14.23
N SER A 167 -11.53 10.99 13.23
CA SER A 167 -12.66 11.95 13.17
C SER A 167 -14.01 11.31 12.89
N ILE A 168 -14.04 10.03 12.49
CA ILE A 168 -15.26 9.27 12.25
C ILE A 168 -15.44 8.14 13.26
N MET A 169 -14.69 8.15 14.34
CA MET A 169 -14.87 7.15 15.38
C MET A 169 -15.97 7.55 16.36
N ASP A 170 -16.46 6.54 17.07
CA ASP A 170 -17.50 6.74 18.10
C ASP A 170 -17.22 5.70 19.20
N GLU A 171 -18.13 5.60 20.17
CA GLU A 171 -17.90 4.70 21.30
C GLU A 171 -17.90 3.22 20.92
N ASN A 172 -18.41 2.88 19.73
CA ASN A 172 -18.43 1.51 19.23
C ASN A 172 -17.20 1.16 18.41
N CYS A 173 -16.19 2.00 18.52
CA CYS A 173 -14.94 1.82 17.81
C CYS A 173 -13.87 1.40 18.81
N LEU A 174 -13.04 0.49 18.36
CA LEU A 174 -11.86 0.06 19.06
C LEU A 174 -10.63 0.30 18.19
N VAL A 175 -9.63 0.96 18.74
CA VAL A 175 -8.33 1.19 18.11
C VAL A 175 -7.23 0.41 18.83
N LEU A 176 -6.43 -0.33 18.08
CA LEU A 176 -5.20 -0.97 18.59
C LEU A 176 -4.02 -0.20 18.03
N GLY A 177 -3.18 0.36 18.89
CA GLY A 177 -2.02 1.13 18.47
C GLY A 177 -0.73 0.42 18.84
N PHE A 178 0.20 0.35 17.87
CA PHE A 178 1.42 -0.45 17.97
C PHE A 178 2.64 0.45 17.89
N SER A 179 3.39 0.53 18.99
CA SER A 179 4.62 1.33 19.01
C SER A 179 5.57 0.59 19.93
N LEU A 180 6.52 -0.13 19.33
CA LEU A 180 7.42 -0.94 20.14
C LEU A 180 8.21 -0.06 21.10
N SER A 181 8.76 1.06 20.59
CA SER A 181 9.49 2.02 21.41
C SER A 181 8.61 2.76 22.43
N GLY A 182 7.28 2.83 22.19
CA GLY A 182 6.33 3.57 23.01
C GLY A 182 6.46 5.08 22.93
N SER A 183 7.25 5.58 22.01
CA SER A 183 7.56 7.00 21.93
C SER A 183 7.12 7.66 20.63
N THR A 184 6.62 6.89 19.66
CA THR A 184 6.25 7.47 18.37
C THR A 184 5.06 8.40 18.53
N PRO A 185 5.20 9.69 18.24
CA PRO A 185 4.13 10.63 18.58
C PRO A 185 2.85 10.42 17.79
N SER A 186 2.97 10.09 16.50
CA SER A 186 1.78 9.90 15.67
C SER A 186 0.85 8.87 16.27
N ILE A 187 1.40 7.88 16.97
CA ILE A 187 0.59 6.79 17.52
C ILE A 187 -0.02 7.18 18.86
N LEU A 188 0.81 7.71 19.77
CA LEU A 188 0.28 8.22 21.04
C LEU A 188 -0.78 9.30 20.83
N ASP A 189 -0.49 10.27 19.96
CA ASP A 189 -1.43 11.38 19.72
C ASP A 189 -2.74 10.84 19.12
N SER A 190 -2.65 9.90 18.15
CA SER A 190 -3.91 9.41 17.58
C SER A 190 -4.67 8.49 18.53
N LEU A 191 -4.00 7.85 19.49
CA LEU A 191 -4.78 7.21 20.55
C LEU A 191 -5.47 8.24 21.44
N LEU A 192 -4.82 9.35 21.74
CA LEU A 192 -5.50 10.39 22.52
C LEU A 192 -6.69 10.92 21.75
N ASP A 193 -6.51 11.12 20.43
CA ASP A 193 -7.58 11.56 19.55
C ASP A 193 -8.74 10.57 19.56
N ALA A 194 -8.43 9.26 19.49
CA ALA A 194 -9.49 8.28 19.46
C ALA A 194 -10.30 8.27 20.75
N LYS A 195 -9.61 8.40 21.90
CA LYS A 195 -10.32 8.45 23.17
C LYS A 195 -11.28 9.63 23.21
N GLU A 196 -10.82 10.80 22.76
CA GLU A 196 -11.71 11.97 22.69
C GLU A 196 -13.03 11.63 21.99
N MET A 197 -12.98 10.86 20.90
CA MET A 197 -14.21 10.51 20.21
C MET A 197 -15.02 9.46 20.97
N GLY A 198 -14.48 8.93 22.06
CA GLY A 198 -15.13 7.89 22.83
C GLY A 198 -14.74 6.47 22.51
N ALA A 199 -13.84 6.26 21.55
CA ALA A 199 -13.49 4.89 21.24
C ALA A 199 -12.64 4.29 22.36
N LYS A 200 -12.78 3.00 22.50
CA LYS A 200 -11.90 2.24 23.36
C LYS A 200 -10.55 2.11 22.68
N THR A 201 -9.48 2.05 23.47
CA THR A 201 -8.12 2.14 22.95
C THR A 201 -7.15 1.19 23.67
N VAL A 202 -6.28 0.54 22.89
CA VAL A 202 -5.26 -0.39 23.39
C VAL A 202 -3.92 -0.02 22.79
N LEU A 203 -2.90 0.07 23.62
CA LEU A 203 -1.55 0.38 23.17
C LEU A 203 -0.66 -0.86 23.38
N PHE A 204 0.14 -1.21 22.37
CA PHE A 204 1.16 -2.25 22.47
C PHE A 204 2.56 -1.62 22.45
N THR A 205 3.33 -1.81 23.53
CA THR A 205 4.68 -1.22 23.66
C THR A 205 5.58 -2.04 24.57
N SER A 206 6.90 -2.00 24.34
CA SER A 206 7.90 -2.71 25.14
C SER A 206 8.26 -1.87 26.37
N VAL A 207 7.94 -0.57 26.36
CA VAL A 207 8.24 0.36 27.47
C VAL A 207 6.94 0.67 28.22
N PRO A 208 6.82 0.37 29.53
CA PRO A 208 5.60 0.74 30.29
C PRO A 208 5.67 2.21 30.72
N ASN A 209 4.55 2.79 31.14
CA ASN A 209 4.45 4.22 31.53
C ASN A 209 3.10 4.45 32.20
N LYS A 210 2.90 5.64 32.82
CA LYS A 210 1.64 6.00 33.49
C LYS A 210 0.81 6.93 32.60
N ASP A 211 1.40 7.44 31.50
CA ASP A 211 0.68 8.25 30.52
C ASP A 211 -0.33 7.37 29.79
N SER A 212 -0.01 6.07 29.67
CA SER A 212 -0.85 5.08 28.97
C SER A 212 -2.04 4.66 29.81
N GLN A 213 -2.17 5.15 31.06
CA GLN A 213 -3.33 4.87 31.91
C GLN A 213 -4.59 5.39 31.25
N THR A 214 -4.45 6.43 30.39
CA THR A 214 -5.58 6.98 29.64
C THR A 214 -6.20 5.91 28.77
N TYR A 215 -5.36 5.02 28.21
CA TYR A 215 -5.84 4.00 27.26
C TYR A 215 -6.55 2.89 28.00
N THR A 216 -7.55 2.25 27.35
CA THR A 216 -8.31 1.16 27.95
C THR A 216 -7.40 0.01 28.40
N GLU A 217 -6.44 -0.39 27.57
CA GLU A 217 -5.42 -1.34 27.99
C GLU A 217 -4.07 -0.88 27.48
N THR A 218 -3.02 -1.40 28.10
CA THR A 218 -1.65 -1.26 27.63
C THR A 218 -1.07 -2.68 27.69
N VAL A 219 -0.70 -3.24 26.55
CA VAL A 219 -0.13 -4.59 26.48
C VAL A 219 1.39 -4.48 26.48
N LEU A 220 2.05 -5.18 27.43
CA LEU A 220 3.50 -5.12 27.56
C LEU A 220 4.12 -6.30 26.82
N VAL A 221 5.00 -5.97 25.88
CA VAL A 221 5.63 -6.95 25.01
C VAL A 221 7.14 -7.01 25.29
N ALA A 222 7.75 -8.09 24.83
CA ALA A 222 9.17 -8.32 25.04
C ALA A 222 10.03 -7.24 24.40
N THR A 223 11.12 -6.88 25.08
CA THR A 223 12.20 -6.10 24.47
C THR A 223 13.09 -7.03 23.61
N HIS A 224 13.77 -6.43 22.64
CA HIS A 224 14.85 -7.17 22.00
C HIS A 224 16.05 -7.23 22.95
N SER A 225 17.03 -8.04 22.57
CA SER A 225 18.20 -8.24 23.40
C SER A 225 19.46 -7.65 22.80
N GLN A 226 19.55 -7.50 21.52
CA GLN A 226 20.74 -6.86 20.97
C GLN A 226 20.75 -5.37 21.33
N PRO A 227 21.73 -4.89 22.09
CA PRO A 227 21.78 -3.44 22.37
C PRO A 227 21.95 -2.62 21.12
N SER A 228 22.56 -3.21 20.10
CA SER A 228 22.86 -2.51 18.87
C SER A 228 21.57 -2.48 18.09
N TYR A 229 21.09 -1.29 17.76
CA TYR A 229 19.80 -1.28 17.09
C TYR A 229 19.88 -2.04 15.76
N ILE A 230 21.02 -1.93 15.05
CA ILE A 230 21.22 -2.52 13.74
C ILE A 230 21.30 -4.05 13.75
N GLN A 231 21.62 -4.66 14.87
CA GLN A 231 21.69 -6.11 14.98
C GLN A 231 20.45 -6.72 15.57
N ARG A 232 19.42 -5.93 15.81
CA ARG A 232 18.22 -6.47 16.42
C ARG A 232 17.52 -7.38 15.43
N ILE A 233 16.76 -8.35 15.93
CA ILE A 233 15.95 -9.15 15.04
C ILE A 233 14.67 -8.40 14.68
N SER A 234 13.92 -8.94 13.74
CA SER A 234 12.79 -8.22 13.19
C SER A 234 11.91 -7.63 14.30
N ALA A 235 11.54 -6.35 14.10
CA ALA A 235 10.78 -5.58 15.08
C ALA A 235 9.36 -6.04 15.27
N GLN A 236 8.80 -6.77 14.28
CA GLN A 236 7.45 -7.29 14.41
C GLN A 236 7.29 -8.30 15.54
N LEU A 237 8.34 -9.09 15.82
CA LEU A 237 8.17 -10.34 16.59
C LEU A 237 7.56 -10.17 17.97
N PRO A 238 7.96 -9.21 18.79
CA PRO A 238 7.32 -9.11 20.13
C PRO A 238 5.82 -8.96 20.03
N MET A 239 5.35 -8.29 18.96
CA MET A 239 3.94 -8.06 18.75
C MET A 239 3.22 -9.29 18.19
N LEU A 240 3.86 -10.00 17.28
CA LEU A 240 3.20 -11.13 16.63
C LEU A 240 2.80 -12.16 17.67
N PHE A 241 3.64 -12.34 18.70
CA PHE A 241 3.30 -13.18 19.84
C PHE A 241 1.91 -12.85 20.39
N PHE A 242 1.72 -11.59 20.74
CA PHE A 242 0.50 -11.24 21.45
C PHE A 242 -0.68 -11.19 20.51
N ILE A 243 -0.44 -10.79 19.24
CA ILE A 243 -1.46 -10.95 18.22
C ILE A 243 -1.93 -12.42 18.17
N ASP A 244 -0.98 -13.34 18.07
CA ASP A 244 -1.33 -14.77 18.01
C ASP A 244 -2.09 -15.20 19.23
N LEU A 245 -1.74 -14.63 20.39
CA LEU A 245 -2.44 -14.96 21.63
C LEU A 245 -3.87 -14.42 21.61
N ILE A 246 -4.03 -13.15 21.27
CA ILE A 246 -5.38 -12.57 21.23
C ILE A 246 -6.23 -13.29 20.18
N TYR A 247 -5.64 -13.60 19.01
CA TYR A 247 -6.39 -14.26 17.95
C TYR A 247 -6.86 -15.63 18.40
N ALA A 248 -5.97 -16.34 19.08
CA ALA A 248 -6.32 -17.65 19.62
C ALA A 248 -7.55 -17.55 20.50
N TYR A 249 -7.54 -16.56 21.41
CA TYR A 249 -8.69 -16.29 22.27
C TYR A 249 -9.89 -15.82 21.46
N PHE A 250 -9.68 -14.90 20.51
CA PHE A 250 -10.81 -14.31 19.80
C PHE A 250 -11.59 -15.37 19.01
N LEU A 251 -10.86 -16.27 18.35
CA LEU A 251 -11.54 -17.25 17.52
C LEU A 251 -12.46 -18.17 18.31
N GLU A 252 -12.23 -18.36 19.61
CA GLU A 252 -13.11 -19.22 20.38
C GLU A 252 -14.36 -18.50 20.89
N ILE A 253 -14.50 -17.22 20.60
CA ILE A 253 -15.73 -16.50 20.88
C ILE A 253 -16.62 -16.56 19.64
N ASN A 254 -17.79 -17.21 19.75
CA ASN A 254 -18.75 -17.28 18.64
C ASN A 254 -18.17 -17.96 17.39
N ARG A 255 -17.56 -19.13 17.59
CA ARG A 255 -16.65 -19.64 16.58
C ARG A 255 -17.35 -20.09 15.30
N GLU A 256 -18.53 -20.73 15.40
CA GLU A 256 -19.13 -21.34 14.23
C GLU A 256 -19.21 -20.34 13.07
N SER A 257 -19.71 -19.14 13.37
CA SER A 257 -19.97 -18.13 12.34
C SER A 257 -18.69 -17.50 11.82
N LYS A 258 -17.64 -17.46 12.64
CA LYS A 258 -16.35 -16.95 12.21
C LYS A 258 -15.65 -17.96 11.32
N GLU A 259 -15.79 -19.26 11.66
CA GLU A 259 -15.27 -20.34 10.81
C GLU A 259 -16.02 -20.45 9.50
N LYS A 260 -17.33 -20.24 9.51
CA LYS A 260 -18.04 -20.08 8.23
C LYS A 260 -17.44 -19.01 7.34
N ILE A 261 -17.23 -17.82 7.86
CA ILE A 261 -16.71 -16.75 7.02
C ILE A 261 -15.31 -17.11 6.54
N PHE A 262 -14.49 -17.63 7.44
CA PHE A 262 -13.15 -18.03 7.05
C PHE A 262 -13.17 -19.07 5.92
N ASN A 263 -14.05 -20.07 6.02
CA ASN A 263 -14.06 -21.14 5.05
C ASN A 263 -14.64 -20.70 3.72
N SER A 264 -15.40 -19.60 3.68
CA SER A 264 -16.01 -19.22 2.41
C SER A 264 -14.98 -18.94 1.32
N TYR A 265 -13.76 -18.55 1.69
CA TYR A 265 -12.73 -18.33 0.69
C TYR A 265 -12.45 -19.59 -0.12
N TRP A 266 -12.72 -20.77 0.44
CA TRP A 266 -12.48 -22.03 -0.27
C TRP A 266 -13.78 -22.55 -0.88
N GLU A 267 -14.93 -21.94 -0.61
CA GLU A 267 -16.20 -22.39 -1.25
C GLU A 267 -15.98 -22.42 -2.77
N ASN A 268 -16.61 -23.37 -3.45
CA ASN A 268 -16.48 -23.50 -4.91
C ASN A 268 -17.24 -22.36 -5.57
N LYS A 269 -18.24 -21.81 -4.90
CA LYS A 269 -19.07 -20.70 -5.43
C LYS A 269 -18.32 -19.36 -5.38
N LYS A 270 -17.30 -19.22 -4.53
CA LYS A 270 -16.57 -17.97 -4.37
C LYS A 270 -15.77 -17.67 -5.62
N LEU A 271 -16.19 -16.65 -6.38
CA LEU A 271 -15.56 -16.39 -7.68
C LEU A 271 -14.12 -15.89 -7.56
N ASN A 272 -13.81 -15.10 -6.55
CA ASN A 272 -12.42 -14.68 -6.31
C ASN A 272 -11.70 -15.58 -5.31
N GLY A 273 -12.18 -16.79 -5.11
CA GLY A 273 -11.66 -17.64 -4.04
C GLY A 273 -10.32 -18.28 -4.36
N TYR A 274 -9.83 -19.04 -3.36
CA TYR A 274 -8.62 -19.83 -3.48
C TYR A 274 -8.64 -20.73 -4.71
N ARG A 275 -9.79 -21.35 -4.97
CA ARG A 275 -9.89 -22.24 -6.12
C ARG A 275 -9.19 -21.62 -7.32
N ARG A 276 -9.56 -20.38 -7.61
CA ARG A 276 -9.06 -19.65 -8.76
C ARG A 276 -7.66 -19.07 -8.42
N SER B 88 4.38 23.06 -29.73
CA SER B 88 4.80 21.70 -30.12
C SER B 88 3.62 20.76 -30.31
N PRO B 89 3.63 19.95 -31.38
CA PRO B 89 2.53 18.98 -31.56
C PRO B 89 2.38 17.96 -30.44
N LEU B 90 3.46 17.49 -29.81
CA LEU B 90 3.33 16.64 -28.64
C LEU B 90 2.48 17.32 -27.58
N THR B 91 2.90 18.55 -27.21
CA THR B 91 2.15 19.25 -26.19
C THR B 91 0.71 19.34 -26.57
N LYS B 92 0.46 19.66 -27.84
CA LYS B 92 -0.91 19.86 -28.27
C LYS B 92 -1.69 18.56 -28.22
N ARG B 93 -1.04 17.46 -28.60
CA ARG B 93 -1.69 16.14 -28.49
C ARG B 93 -2.12 15.80 -27.05
N VAL B 94 -1.25 16.01 -26.07
CA VAL B 94 -1.65 15.74 -24.66
C VAL B 94 -2.85 16.62 -24.28
N LEU B 95 -2.73 17.91 -24.53
CA LEU B 95 -3.82 18.82 -24.19
C LEU B 95 -5.09 18.47 -24.93
N ARG B 96 -4.98 18.04 -26.20
CA ARG B 96 -6.17 17.62 -26.92
C ARG B 96 -6.83 16.42 -26.23
N SER B 97 -6.03 15.46 -25.78
CA SER B 97 -6.58 14.30 -25.04
C SER B 97 -7.40 14.74 -23.82
N TYR B 98 -6.91 15.75 -23.12
CA TYR B 98 -7.64 16.22 -21.93
C TYR B 98 -8.92 16.92 -22.34
N SER B 99 -8.84 17.80 -23.36
CA SER B 99 -10.06 18.46 -23.88
C SER B 99 -11.09 17.47 -24.38
N ASN B 100 -10.65 16.50 -25.18
CA ASN B 100 -11.59 15.51 -25.72
C ASN B 100 -12.25 14.73 -24.61
N MET B 101 -11.48 14.39 -23.58
CA MET B 101 -12.08 13.68 -22.46
C MET B 101 -13.12 14.50 -21.72
N MSE B 101 -11.51 14.41 -23.57
CA MSE B 101 -12.11 13.70 -22.46
C MSE B 101 -13.15 14.51 -21.71
O MSE B 101 -14.16 14.02 -21.26
CB MSE B 101 -11.05 13.21 -21.51
CG MSE B 101 -11.56 12.10 -20.67
SE MSE B 101 -10.10 11.31 -19.72
CE MSE B 101 -9.35 10.18 -21.15
H MSE B 101 -10.68 14.60 -23.48
HA MSE B 101 -12.56 12.92 -22.83
HB2 MSE B 101 -10.28 12.87 -22.02
HB3 MSE B 101 -10.77 13.93 -20.93
HG2 MSE B 101 -12.21 12.43 -20.03
HG3 MSE B 101 -11.97 11.41 -21.23
HE1 MSE B 101 -9.12 10.75 -21.91
HE2 MSE B 101 -8.58 9.72 -20.81
HE3 MSE B 101 -10.03 9.54 -21.42
N ARG B 102 -12.95 15.55 -21.55
CA ARG B 102 -13.87 16.49 -20.90
C ARG B 102 -15.10 16.71 -21.74
N GLU B 103 -14.95 16.94 -23.06
CA GLU B 103 -16.12 17.02 -23.94
C GLU B 103 -16.93 15.74 -23.88
N GLN B 104 -16.24 14.59 -24.07
CA GLN B 104 -16.95 13.31 -24.03
C GLN B 104 -17.65 13.07 -22.72
N THR B 105 -17.02 13.44 -21.62
CA THR B 105 -17.64 13.26 -20.31
C THR B 105 -18.95 14.04 -20.22
N GLN B 106 -18.91 15.32 -20.62
CA GLN B 106 -20.15 16.08 -20.63
C GLN B 106 -21.25 15.39 -21.42
N ASP B 107 -20.89 14.81 -22.57
CA ASP B 107 -21.89 14.09 -23.38
C ASP B 107 -22.37 12.83 -22.67
N LEU B 108 -21.52 12.21 -21.83
CA LEU B 108 -21.94 10.97 -21.15
C LEU B 108 -22.78 11.16 -19.90
N ILE B 109 -22.70 12.32 -19.22
CA ILE B 109 -23.30 12.43 -17.90
C ILE B 109 -24.78 12.13 -17.92
N ASP B 110 -25.23 11.34 -16.95
CA ASP B 110 -26.65 11.14 -16.65
C ASP B 110 -26.86 11.70 -15.23
N GLU B 111 -27.31 12.96 -15.09
CA GLU B 111 -27.30 13.62 -13.78
C GLU B 111 -28.18 12.89 -12.78
N ILE B 112 -29.32 12.37 -13.24
CA ILE B 112 -30.22 11.61 -12.39
C ILE B 112 -29.52 10.38 -11.84
N GLN B 113 -28.72 9.71 -12.66
CA GLN B 113 -28.02 8.52 -12.21
C GLN B 113 -26.99 8.90 -11.15
N LEU B 114 -26.23 9.96 -11.39
CA LEU B 114 -25.22 10.39 -10.44
C LEU B 114 -25.86 10.78 -9.11
N GLU B 115 -27.01 11.42 -9.18
CA GLU B 115 -27.68 11.75 -7.93
C GLU B 115 -28.07 10.49 -7.20
N ARG B 116 -28.66 9.51 -7.91
CA ARG B 116 -28.96 8.21 -7.31
C ARG B 116 -27.74 7.55 -6.65
N ILE B 117 -26.60 7.62 -7.32
CA ILE B 117 -25.43 6.94 -6.76
C ILE B 117 -24.98 7.67 -5.49
N ALA B 118 -25.00 9.02 -5.51
CA ALA B 118 -24.75 9.79 -4.27
C ALA B 118 -25.65 9.29 -3.17
N GLN B 119 -26.90 9.02 -3.50
CA GLN B 119 -27.83 8.57 -2.48
C GLN B 119 -27.49 7.17 -2.00
N LEU B 120 -27.06 6.30 -2.92
CA LEU B 120 -26.64 4.96 -2.50
C LEU B 120 -25.51 4.99 -1.49
N ILE B 121 -24.54 5.91 -1.69
CA ILE B 121 -23.41 6.02 -0.77
C ILE B 121 -23.89 6.43 0.61
N GLU B 122 -24.80 7.43 0.65
CA GLU B 122 -25.28 7.99 1.92
C GLU B 122 -26.07 6.96 2.72
N ASP B 123 -26.86 6.12 2.03
CA ASP B 123 -27.70 5.09 2.63
C ASP B 123 -26.90 3.89 3.09
N ALA B 124 -25.84 3.57 2.40
CA ALA B 124 -25.09 2.38 2.78
C ALA B 124 -24.45 2.60 4.12
N GLU B 125 -24.27 1.48 4.86
CA GLU B 125 -23.55 1.51 6.12
C GLU B 125 -22.05 1.41 5.93
N ARG B 126 -21.61 0.64 4.92
CA ARG B 126 -20.19 0.43 4.61
C ARG B 126 -20.01 0.45 3.09
N ILE B 127 -19.00 1.17 2.60
CA ILE B 127 -18.82 1.34 1.17
C ILE B 127 -17.44 0.83 0.78
N TYR B 128 -17.36 0.10 -0.31
CA TYR B 128 -16.10 -0.45 -0.77
C TYR B 128 -15.80 0.02 -2.18
N PHE B 129 -14.54 0.36 -2.38
CA PHE B 129 -14.03 0.77 -3.66
C PHE B 129 -13.03 -0.27 -4.12
N PHE B 130 -13.31 -0.85 -5.31
CA PHE B 130 -12.49 -1.94 -5.82
C PHE B 130 -11.89 -1.50 -7.15
N GLY B 131 -10.57 -1.62 -7.28
CA GLY B 131 -9.94 -1.42 -8.58
C GLY B 131 -8.56 -2.04 -8.60
N THR B 132 -8.03 -2.30 -9.81
CA THR B 132 -6.65 -2.77 -9.94
C THR B 132 -5.88 -1.81 -10.84
N GLY B 133 -4.55 -1.84 -10.70
CA GLY B 133 -3.70 -0.92 -11.43
C GLY B 133 -4.18 0.52 -11.23
N SER B 134 -4.20 1.31 -12.32
CA SER B 134 -4.60 2.70 -12.19
C SER B 134 -6.01 2.84 -11.63
N SER B 135 -6.87 1.87 -11.87
CA SER B 135 -8.17 1.91 -11.26
C SER B 135 -8.12 1.65 -9.76
N GLY B 136 -7.05 1.01 -9.25
CA GLY B 136 -6.85 0.91 -7.81
C GLY B 136 -6.51 2.25 -7.17
N LEU B 137 -5.78 3.08 -7.90
CA LEU B 137 -5.43 4.40 -7.41
C LEU B 137 -6.67 5.27 -7.32
N VAL B 138 -7.57 5.12 -8.31
CA VAL B 138 -8.83 5.84 -8.32
C VAL B 138 -9.62 5.49 -7.07
N ALA B 139 -9.73 4.19 -6.81
CA ALA B 139 -10.40 3.69 -5.62
C ALA B 139 -9.79 4.27 -4.35
N ARG B 140 -8.47 4.29 -4.26
CA ARG B 140 -7.85 4.86 -3.08
C ARG B 140 -8.19 6.35 -2.92
N GLU B 141 -8.14 7.10 -4.00
CA GLU B 141 -8.47 8.53 -3.80
C GLU B 141 -9.93 8.73 -3.36
N MET B 142 -10.84 7.92 -3.90
CA MET B 142 -12.21 8.04 -3.49
C MET B 142 -12.37 7.73 -2.00
N MSE B 142 -10.84 7.93 -3.89
CA MSE B 142 -12.22 8.03 -3.49
C MSE B 142 -12.39 7.72 -2.01
O MSE B 142 -13.16 8.37 -1.31
CB MSE B 142 -13.08 7.10 -4.33
CG MSE B 142 -14.38 7.79 -4.78
SE MSE B 142 -15.67 6.62 -5.60
CE MSE B 142 -17.32 7.52 -5.08
H MSE B 142 -10.66 7.31 -4.47
HA MSE B 142 -12.52 8.94 -3.66
HB2 MSE B 142 -12.59 6.82 -5.11
HB3 MSE B 142 -13.34 6.33 -3.79
HG2 MSE B 142 -14.80 8.21 -4.02
HG3 MSE B 142 -14.15 8.47 -5.44
HE1 MSE B 142 -18.08 7.03 -5.44
HE2 MSE B 142 -17.38 7.54 -4.11
HE3 MSE B 142 -17.31 8.42 -5.44
N LYS B 143 -11.66 6.72 -1.52
CA LYS B 143 -11.72 6.43 -0.09
C LYS B 143 -11.25 7.64 0.71
N LEU B 144 -10.17 8.27 0.29
CA LEU B 144 -9.65 9.42 1.01
C LEU B 144 -10.67 10.57 1.08
N ARG B 145 -11.28 10.89 -0.04
CA ARG B 145 -12.14 12.06 -0.05
C ARG B 145 -13.47 11.81 0.63
N PHE B 146 -14.01 10.59 0.52
CA PHE B 146 -15.29 10.36 1.15
C PHE B 146 -15.17 10.05 2.63
N MET B 147 -14.03 9.47 3.04
CA MET B 147 -13.78 9.31 4.49
C MET B 147 -13.81 10.67 5.19
N ARG B 148 -13.26 11.70 4.56
CA ARG B 148 -13.20 13.00 5.22
C ARG B 148 -14.58 13.65 5.35
N LEU B 149 -15.58 13.12 4.68
CA LEU B 149 -16.95 13.55 4.83
C LEU B 149 -17.75 12.61 5.70
N GLY B 150 -17.08 11.66 6.34
CA GLY B 150 -17.73 10.77 7.25
C GLY B 150 -18.07 9.40 6.75
N VAL B 151 -17.68 9.04 5.54
CA VAL B 151 -18.14 7.77 5.03
C VAL B 151 -17.22 6.69 5.55
N VAL B 152 -17.82 5.59 6.01
CA VAL B 152 -17.08 4.40 6.45
C VAL B 152 -16.82 3.55 5.20
N CYS B 153 -15.56 3.50 4.77
N CYS B 153 -15.57 3.50 4.76
CA CYS B 153 -15.27 2.93 3.46
CA CYS B 153 -15.28 2.93 3.47
C CYS B 153 -13.84 2.41 3.40
C CYS B 153 -13.85 2.43 3.40
N GLU B 154 -13.60 1.59 2.39
CA GLU B 154 -12.30 0.98 2.22
C GLU B 154 -12.05 0.74 0.74
N ALA B 155 -10.81 0.97 0.35
CA ALA B 155 -10.32 0.69 -1.00
C ALA B 155 -9.54 -0.62 -0.95
N LEU B 156 -9.86 -1.52 -1.86
CA LEU B 156 -9.11 -2.77 -2.07
C LEU B 156 -8.67 -2.90 -3.52
N THR B 157 -7.47 -3.50 -3.72
CA THR B 157 -6.90 -3.46 -5.06
C THR B 157 -6.31 -4.80 -5.51
N ASP B 158 -6.69 -5.94 -4.90
CA ASP B 158 -6.29 -7.25 -5.38
C ASP B 158 -7.33 -8.31 -5.05
N GLN B 159 -7.14 -9.48 -5.64
CA GLN B 159 -8.18 -10.51 -5.65
C GLN B 159 -8.49 -10.99 -4.23
N ASP B 160 -7.45 -11.25 -3.42
CA ASP B 160 -7.72 -11.69 -2.05
C ASP B 160 -8.47 -10.63 -1.25
N GLY B 161 -8.08 -9.36 -1.40
CA GLY B 161 -8.86 -8.29 -0.75
C GLY B 161 -10.31 -8.34 -1.18
N PHE B 162 -10.56 -8.59 -2.46
CA PHE B 162 -11.94 -8.66 -2.94
C PHE B 162 -12.68 -9.84 -2.32
N ALA B 163 -12.05 -10.99 -2.27
CA ALA B 163 -12.76 -12.19 -1.81
C ALA B 163 -13.09 -12.07 -0.33
N TRP B 164 -12.10 -11.71 0.50
CA TRP B 164 -12.27 -11.63 1.96
C TRP B 164 -13.27 -10.53 2.34
N THR B 165 -13.26 -9.42 1.59
CA THR B 165 -14.19 -8.32 1.85
C THR B 165 -15.60 -8.71 1.43
N THR B 166 -15.78 -9.26 0.23
CA THR B 166 -17.14 -9.67 -0.14
C THR B 166 -17.68 -10.71 0.83
N SER B 167 -16.81 -11.55 1.41
CA SER B 167 -17.35 -12.55 2.33
C SER B 167 -17.92 -11.94 3.62
N ILE B 168 -17.67 -10.68 3.92
CA ILE B 168 -18.22 -10.04 5.10
C ILE B 168 -19.22 -8.95 4.72
N MET B 169 -19.77 -8.96 3.50
CA MET B 169 -20.77 -7.99 3.08
C MET B 169 -22.20 -8.46 3.35
N ASP B 170 -23.15 -7.51 3.28
CA ASP B 170 -24.57 -7.78 3.54
C ASP B 170 -25.42 -6.75 2.78
N GLU B 171 -26.74 -6.69 3.07
CA GLU B 171 -27.66 -5.79 2.36
C GLU B 171 -27.34 -4.34 2.53
N ASN B 172 -26.60 -4.01 3.55
CA ASN B 172 -26.29 -2.62 3.84
C ASN B 172 -24.96 -2.16 3.26
N CYS B 173 -24.33 -2.97 2.45
CA CYS B 173 -23.05 -2.60 1.85
C CYS B 173 -23.23 -2.14 0.42
N LEU B 174 -22.24 -1.42 -0.07
CA LEU B 174 -22.24 -0.90 -1.44
C LEU B 174 -20.83 -1.05 -1.98
N VAL B 175 -20.69 -1.64 -3.17
CA VAL B 175 -19.38 -1.82 -3.77
C VAL B 175 -19.34 -0.97 -5.04
N LEU B 176 -18.31 -0.16 -5.19
CA LEU B 176 -18.01 0.54 -6.44
C LEU B 176 -16.81 -0.13 -7.09
N GLY B 177 -17.01 -0.72 -8.27
CA GLY B 177 -15.96 -1.36 -9.01
C GLY B 177 -15.51 -0.51 -10.18
N PHE B 178 -14.21 -0.31 -10.29
CA PHE B 178 -13.62 0.45 -11.35
C PHE B 178 -12.89 -0.46 -12.34
N SER B 179 -13.39 -0.53 -13.59
CA SER B 179 -12.69 -1.20 -14.65
C SER B 179 -12.92 -0.46 -15.98
N LEU B 180 -11.89 0.22 -16.46
CA LEU B 180 -12.06 1.08 -17.64
C LEU B 180 -12.41 0.24 -18.85
N SER B 181 -11.66 -0.85 -19.05
CA SER B 181 -11.91 -1.77 -20.15
C SER B 181 -13.22 -2.49 -19.98
N GLY B 182 -13.73 -2.55 -18.76
CA GLY B 182 -14.96 -3.27 -18.52
C GLY B 182 -14.80 -4.75 -18.56
N SER B 183 -13.57 -5.23 -18.56
CA SER B 183 -13.37 -6.67 -18.71
C SER B 183 -12.39 -7.28 -17.73
N THR B 184 -11.95 -6.58 -16.69
CA THR B 184 -10.97 -7.16 -15.77
C THR B 184 -11.69 -8.20 -14.92
N PRO B 185 -11.37 -9.48 -15.07
CA PRO B 185 -12.24 -10.49 -14.43
C PRO B 185 -12.35 -10.35 -12.94
N SER B 186 -11.26 -9.99 -12.27
CA SER B 186 -11.33 -9.92 -10.81
C SER B 186 -12.38 -8.92 -10.37
N ILE B 187 -12.52 -7.83 -11.14
CA ILE B 187 -13.49 -6.79 -10.77
C ILE B 187 -14.90 -7.24 -11.09
N LEU B 188 -15.13 -7.74 -12.31
CA LEU B 188 -16.46 -8.26 -12.63
C LEU B 188 -16.85 -9.37 -11.66
N ASP B 189 -15.93 -10.28 -11.37
CA ASP B 189 -16.27 -11.35 -10.43
C ASP B 189 -16.48 -10.82 -9.02
N SER B 190 -15.69 -9.84 -8.59
CA SER B 190 -15.88 -9.31 -7.24
C SER B 190 -17.26 -8.65 -7.10
N LEU B 191 -17.73 -7.95 -8.13
CA LEU B 191 -19.08 -7.40 -8.02
C LEU B 191 -20.15 -8.50 -8.03
N LEU B 192 -19.94 -9.58 -8.77
CA LEU B 192 -20.91 -10.70 -8.77
C LEU B 192 -20.93 -11.37 -7.40
N ASP B 193 -19.78 -11.49 -6.73
CA ASP B 193 -19.69 -12.07 -5.38
C ASP B 193 -20.38 -11.15 -4.39
N ALA B 194 -20.13 -9.85 -4.49
CA ALA B 194 -20.76 -8.84 -3.63
C ALA B 194 -22.26 -8.93 -3.79
N LYS B 195 -22.76 -9.01 -5.02
CA LYS B 195 -24.20 -9.07 -5.28
C LYS B 195 -24.85 -10.29 -4.65
N GLU B 196 -24.13 -11.42 -4.63
CA GLU B 196 -24.68 -12.63 -4.03
C GLU B 196 -24.76 -12.55 -2.51
N MET B 197 -23.98 -11.65 -1.88
CA MET B 197 -24.08 -11.47 -0.45
C MET B 197 -25.15 -10.45 -0.09
N GLY B 198 -25.86 -9.92 -1.08
CA GLY B 198 -26.91 -8.95 -0.85
C GLY B 198 -26.52 -7.51 -1.08
N ALA B 199 -25.26 -7.27 -1.43
CA ALA B 199 -24.76 -5.92 -1.51
C ALA B 199 -25.20 -5.25 -2.81
N LYS B 200 -25.29 -3.93 -2.77
CA LYS B 200 -25.51 -3.15 -3.98
C LYS B 200 -24.19 -2.95 -4.70
N THR B 201 -24.26 -2.80 -6.03
CA THR B 201 -23.04 -2.81 -6.85
C THR B 201 -23.12 -1.76 -7.94
N VAL B 202 -21.98 -1.12 -8.17
CA VAL B 202 -21.86 -0.09 -9.19
C VAL B 202 -20.58 -0.37 -9.95
N LEU B 203 -20.70 -0.51 -11.28
CA LEU B 203 -19.55 -0.67 -12.17
C LEU B 203 -19.34 0.62 -12.91
N PHE B 204 -18.10 1.08 -12.94
CA PHE B 204 -17.64 2.22 -13.72
C PHE B 204 -16.82 1.67 -14.87
N THR B 205 -17.21 1.95 -16.12
CA THR B 205 -16.46 1.41 -17.24
C THR B 205 -16.71 2.28 -18.50
N SER B 206 -15.74 2.25 -19.40
CA SER B 206 -15.87 3.04 -20.65
C SER B 206 -16.44 2.24 -21.79
N VAL B 207 -16.73 0.96 -21.57
CA VAL B 207 -17.15 0.01 -22.59
C VAL B 207 -18.47 -0.56 -22.10
N PRO B 208 -19.59 -0.16 -22.69
CA PRO B 208 -20.88 -0.70 -22.29
C PRO B 208 -20.88 -2.23 -22.40
N ASN B 209 -21.90 -2.84 -21.80
CA ASN B 209 -22.14 -4.25 -22.06
C ASN B 209 -23.52 -4.69 -21.57
N LYS B 210 -24.03 -5.75 -22.21
CA LYS B 210 -25.23 -6.39 -21.72
C LYS B 210 -24.96 -7.34 -20.56
N ASP B 211 -23.69 -7.72 -20.34
CA ASP B 211 -23.36 -8.55 -19.17
C ASP B 211 -23.46 -7.75 -17.88
N SER B 212 -23.16 -6.44 -17.94
CA SER B 212 -23.23 -5.54 -16.78
C SER B 212 -24.67 -5.27 -16.36
N GLN B 213 -25.66 -5.67 -17.18
CA GLN B 213 -27.08 -5.50 -16.86
C GLN B 213 -27.42 -5.96 -15.46
N THR B 214 -26.60 -6.85 -14.88
CA THR B 214 -26.85 -7.51 -13.61
C THR B 214 -26.53 -6.66 -12.39
N TYR B 215 -25.71 -5.60 -12.52
CA TYR B 215 -25.32 -4.76 -11.40
C TYR B 215 -26.37 -3.70 -11.11
N THR B 216 -26.28 -3.12 -9.92
CA THR B 216 -27.26 -2.10 -9.54
C THR B 216 -27.21 -0.88 -10.46
N GLU B 217 -26.01 -0.36 -10.70
CA GLU B 217 -25.81 0.73 -11.64
C GLU B 217 -24.59 0.42 -12.47
N THR B 218 -24.59 0.90 -13.70
CA THR B 218 -23.43 0.95 -14.55
C THR B 218 -23.22 2.38 -14.99
N VAL B 219 -22.06 2.93 -14.63
CA VAL B 219 -21.73 4.30 -14.96
C VAL B 219 -20.81 4.27 -16.17
N LEU B 220 -21.25 4.84 -17.29
CA LEU B 220 -20.35 4.95 -18.43
C LEU B 220 -19.43 6.15 -18.35
N VAL B 221 -18.14 5.90 -18.46
CA VAL B 221 -17.15 6.96 -18.42
C VAL B 221 -16.53 7.06 -19.80
N ALA B 222 -15.72 8.07 -19.96
CA ALA B 222 -15.18 8.37 -21.29
C ALA B 222 -14.12 7.35 -21.72
N THR B 223 -14.08 7.12 -23.02
CA THR B 223 -12.91 6.50 -23.58
C THR B 223 -11.78 7.53 -23.68
N HIS B 224 -10.58 7.01 -23.87
CA HIS B 224 -9.46 7.81 -24.26
C HIS B 224 -9.55 8.10 -25.77
N SER B 225 -8.66 8.94 -26.30
CA SER B 225 -8.73 9.31 -27.73
C SER B 225 -7.42 9.05 -28.49
N GLN B 226 -6.48 8.31 -27.89
CA GLN B 226 -5.32 7.89 -28.60
C GLN B 226 -5.50 6.44 -29.00
N PRO B 227 -5.45 6.13 -30.29
CA PRO B 227 -5.64 4.73 -30.72
C PRO B 227 -4.66 3.78 -30.04
N SER B 228 -3.42 4.19 -29.77
CA SER B 228 -2.38 3.31 -29.26
C SER B 228 -2.30 3.46 -27.74
N TYR B 229 -2.30 2.32 -27.05
CA TYR B 229 -2.39 2.33 -25.59
C TYR B 229 -1.27 3.12 -24.96
N ILE B 230 -0.05 2.98 -25.50
CA ILE B 230 1.16 3.57 -24.92
C ILE B 230 1.15 5.09 -24.88
N GLN B 231 0.34 5.73 -25.76
CA GLN B 231 0.26 7.18 -25.84
C GLN B 231 -0.97 7.73 -25.11
N ARG B 232 -1.76 6.88 -24.49
CA ARG B 232 -2.91 7.42 -23.78
C ARG B 232 -2.46 8.23 -22.57
N ILE B 233 -3.27 9.20 -22.22
CA ILE B 233 -3.04 9.95 -21.02
C ILE B 233 -3.52 9.06 -19.87
N SER B 234 -3.38 9.57 -18.66
CA SER B 234 -3.56 8.73 -17.46
C SER B 234 -4.89 8.00 -17.46
N ALA B 235 -4.84 6.70 -17.21
CA ALA B 235 -6.06 5.88 -17.16
C ALA B 235 -7.01 6.22 -15.97
N GLN B 236 -6.55 7.00 -15.03
CA GLN B 236 -7.41 7.43 -13.90
C GLN B 236 -8.47 8.43 -14.36
N LEU B 237 -8.15 9.20 -15.40
CA LEU B 237 -8.87 10.45 -15.67
C LEU B 237 -10.34 10.22 -15.97
N PRO B 238 -10.72 9.27 -16.84
CA PRO B 238 -12.15 9.09 -17.10
C PRO B 238 -12.91 8.94 -15.79
N MET B 239 -12.32 8.20 -14.84
CA MET B 239 -12.97 7.90 -13.57
C MET B 239 -13.01 9.12 -12.67
N MSE B 239 -12.35 8.21 -14.83
CA MSE B 239 -13.09 7.94 -13.59
C MSE B 239 -13.02 9.12 -12.62
O MSE B 239 -13.98 9.32 -11.85
CB MSE B 239 -12.54 6.71 -12.90
CG MSE B 239 -13.05 5.42 -13.57
SE MSE B 239 -11.71 4.07 -13.63
CE MSE B 239 -12.75 2.73 -14.62
H MSE B 239 -11.56 7.87 -14.86
HA MSE B 239 -14.01 7.79 -13.82
HB2 MSE B 239 -11.57 6.72 -12.95
HB3 MSE B 239 -12.83 6.71 -11.98
HG2 MSE B 239 -13.81 5.08 -13.06
HG3 MSE B 239 -13.33 5.61 -14.48
HE1 MSE B 239 -12.30 1.88 -14.58
HE2 MSE B 239 -13.64 2.66 -14.23
HE3 MSE B 239 -12.84 3.01 -15.55
N LEU B 240 -11.91 9.86 -12.62
CA LEU B 240 -11.84 11.03 -11.70
C LEU B 240 -12.97 12.00 -12.03
N PHE B 241 -13.28 12.19 -13.31
CA PHE B 241 -14.39 13.07 -13.66
C PHE B 241 -15.65 12.66 -12.96
N PHE B 242 -16.00 11.37 -13.05
CA PHE B 242 -17.25 10.96 -12.48
C PHE B 242 -17.18 10.85 -10.97
N ILE B 243 -16.01 10.53 -10.43
CA ILE B 243 -15.88 10.60 -8.97
C ILE B 243 -16.14 12.03 -8.49
N ASP B 244 -15.55 13.02 -9.17
CA ASP B 244 -15.79 14.39 -8.79
C ASP B 244 -17.27 14.77 -8.96
N LEU B 245 -17.94 14.31 -10.02
CA LEU B 245 -19.35 14.63 -10.13
C LEU B 245 -20.11 14.04 -8.97
N ILE B 246 -19.86 12.75 -8.68
CA ILE B 246 -20.57 12.11 -7.57
C ILE B 246 -20.27 12.80 -6.25
N TYR B 247 -19.02 13.23 -6.07
CA TYR B 247 -18.64 13.87 -4.83
C TYR B 247 -19.47 15.15 -4.59
N ALA B 248 -19.61 15.98 -5.62
CA ALA B 248 -20.39 17.23 -5.53
C ALA B 248 -21.86 16.96 -5.17
N TYR B 249 -22.51 16.00 -5.84
CA TYR B 249 -23.86 15.65 -5.48
C TYR B 249 -23.89 15.17 -4.02
N PHE B 250 -22.92 14.31 -3.66
CA PHE B 250 -22.90 13.74 -2.32
C PHE B 250 -22.73 14.82 -1.26
N LEU B 251 -21.85 15.76 -1.51
CA LEU B 251 -21.57 16.75 -0.48
C LEU B 251 -22.82 17.58 -0.15
N GLU B 252 -23.73 17.73 -1.10
CA GLU B 252 -24.93 18.50 -0.80
C GLU B 252 -26.02 17.69 -0.10
N ILE B 253 -25.82 16.39 0.11
CA ILE B 253 -26.73 15.57 0.91
C ILE B 253 -26.29 15.68 2.37
N ASN B 254 -27.14 16.26 3.21
CA ASN B 254 -26.90 16.49 4.64
C ASN B 254 -25.55 17.18 4.83
N ARG B 255 -25.37 18.30 4.12
CA ARG B 255 -24.02 18.86 3.99
C ARG B 255 -23.46 19.28 5.32
N GLU B 256 -24.31 19.88 6.17
CA GLU B 256 -23.77 20.46 7.42
C GLU B 256 -23.00 19.44 8.22
N SER B 257 -23.52 18.21 8.35
CA SER B 257 -22.81 17.20 9.12
C SER B 257 -21.48 16.80 8.46
N LYS B 258 -21.45 16.74 7.10
CA LYS B 258 -20.24 16.34 6.40
C LYS B 258 -19.16 17.41 6.47
N GLU B 259 -19.56 18.70 6.33
CA GLU B 259 -18.57 19.79 6.40
C GLU B 259 -17.92 19.87 7.80
N LYS B 260 -18.66 19.53 8.85
CA LYS B 260 -18.08 19.47 10.21
C LYS B 260 -17.04 18.35 10.34
N ILE B 261 -17.33 17.15 9.83
CA ILE B 261 -16.32 16.09 9.90
C ILE B 261 -15.09 16.51 9.12
N PHE B 262 -15.30 17.11 7.95
CA PHE B 262 -14.19 17.50 7.12
C PHE B 262 -13.36 18.56 7.79
N ASN B 263 -14.03 19.54 8.40
CA ASN B 263 -13.34 20.61 9.12
C ASN B 263 -12.62 20.13 10.38
N SER B 264 -13.01 18.99 10.95
CA SER B 264 -12.38 18.55 12.20
C SER B 264 -10.88 18.36 12.04
N TYR B 265 -10.39 18.10 10.81
CA TYR B 265 -8.96 17.89 10.60
C TYR B 265 -8.16 19.13 10.96
N TRP B 266 -8.77 20.31 10.87
CA TRP B 266 -8.11 21.58 11.19
C TRP B 266 -8.39 22.03 12.63
N GLU B 267 -9.30 21.37 13.34
CA GLU B 267 -9.65 21.72 14.74
C GLU B 267 -8.39 21.82 15.59
N ASN B 268 -8.34 22.77 16.54
CA ASN B 268 -7.15 22.99 17.38
C ASN B 268 -6.99 21.85 18.39
N LYS B 269 -8.08 21.11 18.68
CA LYS B 269 -8.03 19.94 19.57
C LYS B 269 -7.38 18.76 18.87
N LYS B 270 -7.45 18.69 17.54
CA LYS B 270 -6.96 17.53 16.77
C LYS B 270 -5.43 17.45 16.83
N LEU B 271 -4.89 16.43 17.53
CA LEU B 271 -3.43 16.23 17.67
C LEU B 271 -2.87 15.85 16.30
N ASN B 272 -3.14 14.65 15.79
CA ASN B 272 -2.78 14.32 14.39
C ASN B 272 -3.78 15.11 13.58
N GLY B 273 -3.38 16.25 12.99
CA GLY B 273 -4.27 17.13 12.23
C GLY B 273 -3.49 18.36 11.81
N TYR B 274 -3.66 18.85 10.57
CA TYR B 274 -2.87 19.98 10.03
C TYR B 274 -3.52 20.45 8.73
N SER C 88 -27.52 20.20 -11.47
CA SER C 88 -27.00 20.76 -12.74
C SER C 88 -26.22 22.08 -12.67
N PRO C 89 -26.49 22.99 -11.73
CA PRO C 89 -25.45 23.99 -11.41
C PRO C 89 -24.20 23.34 -10.83
N LEU C 90 -24.38 22.33 -9.97
CA LEU C 90 -23.29 21.45 -9.51
C LEU C 90 -22.50 20.86 -10.66
N THR C 91 -23.21 20.18 -11.58
CA THR C 91 -22.54 19.57 -12.73
C THR C 91 -21.71 20.59 -13.47
N LYS C 92 -22.27 21.80 -13.67
CA LYS C 92 -21.51 22.80 -14.40
C LYS C 92 -20.31 23.25 -13.58
N ARG C 93 -20.46 23.35 -12.27
CA ARG C 93 -19.31 23.78 -11.45
C ARG C 93 -18.16 22.82 -11.56
N VAL C 94 -18.45 21.53 -11.46
CA VAL C 94 -17.36 20.52 -11.56
C VAL C 94 -16.71 20.60 -12.93
N LEU C 95 -17.53 20.67 -13.98
CA LEU C 95 -16.96 20.76 -15.35
C LEU C 95 -16.18 22.05 -15.54
N ARG C 96 -16.70 23.18 -15.00
CA ARG C 96 -15.93 24.43 -15.08
C ARG C 96 -14.57 24.28 -14.39
N SER C 97 -14.52 23.60 -13.22
CA SER C 97 -13.23 23.36 -12.56
C SER C 97 -12.27 22.58 -13.47
N TYR C 98 -12.78 21.55 -14.15
CA TYR C 98 -11.90 20.83 -15.08
C TYR C 98 -11.46 21.74 -16.23
N SER C 99 -12.41 22.43 -16.86
CA SER C 99 -12.01 23.34 -17.97
C SER C 99 -11.06 24.41 -17.50
N ASN C 100 -11.39 25.05 -16.36
CA ASN C 100 -10.49 26.06 -15.80
C ASN C 100 -9.08 25.54 -15.63
N MET C 101 -8.96 24.30 -15.16
CA MET C 101 -7.61 23.77 -14.92
C MET C 101 -6.88 23.49 -16.21
N ARG C 102 -7.59 22.94 -17.21
CA ARG C 102 -6.99 22.78 -18.53
C ARG C 102 -6.50 24.12 -19.07
N GLU C 103 -7.34 25.16 -19.02
CA GLU C 103 -6.95 26.48 -19.51
C GLU C 103 -5.75 27.00 -18.75
N GLN C 104 -5.77 26.90 -17.40
CA GLN C 104 -4.62 27.39 -16.64
C GLN C 104 -3.37 26.60 -16.95
N THR C 105 -3.50 25.27 -17.09
CA THR C 105 -2.32 24.45 -17.33
C THR C 105 -1.61 24.86 -18.61
N GLN C 106 -2.37 25.04 -19.69
CA GLN C 106 -1.78 25.51 -20.96
C GLN C 106 -1.00 26.82 -20.77
N ASP C 107 -1.55 27.77 -19.96
CA ASP C 107 -0.86 29.04 -19.78
C ASP C 107 0.46 28.88 -19.01
N LEU C 108 0.55 27.85 -18.13
CA LEU C 108 1.73 27.62 -17.28
C LEU C 108 2.85 26.78 -17.90
N ILE C 109 2.54 26.00 -18.94
CA ILE C 109 3.54 25.12 -19.54
C ILE C 109 4.79 25.91 -19.95
N ASP C 110 5.97 25.35 -19.62
CA ASP C 110 7.28 25.77 -20.14
C ASP C 110 7.82 24.55 -20.91
N GLU C 111 7.69 24.52 -22.25
CA GLU C 111 7.94 23.29 -23.01
C GLU C 111 9.39 22.83 -22.89
N ILE C 112 10.32 23.78 -22.78
CA ILE C 112 11.75 23.49 -22.69
C ILE C 112 12.08 22.86 -21.35
N GLN C 113 11.42 23.30 -20.28
CA GLN C 113 11.61 22.69 -18.98
C GLN C 113 11.16 21.25 -19.00
N LEU C 114 10.00 20.99 -19.58
CA LEU C 114 9.49 19.61 -19.58
C LEU C 114 10.42 18.68 -20.36
N GLU C 115 10.92 19.10 -21.54
CA GLU C 115 11.89 18.28 -22.27
C GLU C 115 13.11 18.00 -21.42
N ARG C 116 13.62 19.03 -20.73
CA ARG C 116 14.71 18.84 -19.80
C ARG C 116 14.43 17.80 -18.74
N ILE C 117 13.25 17.83 -18.16
CA ILE C 117 12.95 16.89 -17.10
C ILE C 117 12.85 15.49 -17.70
N ALA C 118 12.21 15.38 -18.87
CA ALA C 118 12.19 14.13 -19.63
C ALA C 118 13.62 13.63 -19.89
N GLN C 119 14.51 14.54 -20.26
CA GLN C 119 15.88 14.12 -20.48
C GLN C 119 16.57 13.75 -19.16
N LEU C 120 16.18 14.38 -18.06
CA LEU C 120 16.75 14.06 -16.75
C LEU C 120 16.40 12.67 -16.28
N ILE C 121 15.16 12.24 -16.55
CA ILE C 121 14.70 10.91 -16.17
C ILE C 121 15.47 9.81 -16.90
N GLU C 122 15.67 9.99 -18.19
CA GLU C 122 16.41 9.02 -19.00
C GLU C 122 17.84 8.87 -18.50
N ASP C 123 18.47 10.04 -18.26
CA ASP C 123 19.87 10.14 -17.90
C ASP C 123 20.08 9.63 -16.50
N ALA C 124 19.06 9.75 -15.67
CA ALA C 124 19.15 9.18 -14.33
C ALA C 124 19.25 7.66 -14.42
N GLU C 125 19.89 7.07 -13.40
CA GLU C 125 19.94 5.64 -13.19
C GLU C 125 18.77 5.13 -12.34
N ARG C 126 18.48 5.85 -11.26
CA ARG C 126 17.37 5.52 -10.37
C ARG C 126 16.54 6.78 -10.20
N ILE C 127 15.21 6.62 -10.22
CA ILE C 127 14.32 7.76 -10.10
C ILE C 127 13.35 7.49 -8.96
N TYR C 128 13.08 8.53 -8.18
CA TYR C 128 12.21 8.45 -7.01
C TYR C 128 11.11 9.49 -7.11
N PHE C 129 9.92 9.07 -6.74
CA PHE C 129 8.75 9.93 -6.73
C PHE C 129 8.24 10.00 -5.30
N PHE C 130 8.21 11.23 -4.74
CA PHE C 130 7.77 11.48 -3.38
C PHE C 130 6.49 12.30 -3.37
N GLY C 131 5.54 11.89 -2.54
CA GLY C 131 4.30 12.59 -2.39
C GLY C 131 3.56 12.08 -1.19
N THR C 132 2.74 12.95 -0.57
CA THR C 132 1.88 12.54 0.54
C THR C 132 0.43 12.75 0.16
N GLY C 133 -0.43 11.96 0.78
CA GLY C 133 -1.84 12.10 0.51
C GLY C 133 -2.10 11.93 -0.97
N SER C 134 -2.92 12.85 -1.51
CA SER C 134 -3.21 12.74 -2.95
C SER C 134 -1.96 12.87 -3.79
N SER C 135 -0.98 13.65 -3.33
CA SER C 135 0.25 13.74 -4.09
C SER C 135 1.03 12.40 -4.10
N GLY C 136 0.80 11.52 -3.10
CA GLY C 136 1.37 10.19 -3.11
C GLY C 136 0.73 9.27 -4.15
N LEU C 137 -0.57 9.45 -4.42
CA LEU C 137 -1.19 8.65 -5.48
C LEU C 137 -0.63 9.05 -6.82
N VAL C 138 -0.43 10.35 -7.01
CA VAL C 138 0.23 10.87 -8.20
C VAL C 138 1.59 10.21 -8.39
N ALA C 139 2.35 10.13 -7.32
CA ALA C 139 3.67 9.53 -7.39
C ALA C 139 3.56 8.05 -7.72
N ARG C 140 2.61 7.35 -7.12
CA ARG C 140 2.40 5.92 -7.39
C ARG C 140 2.06 5.74 -8.87
N GLU C 141 1.21 6.59 -9.47
CA GLU C 141 0.86 6.38 -10.87
C GLU C 141 2.05 6.70 -11.73
N MET C 142 2.87 7.67 -11.34
CA MET C 142 4.02 7.97 -12.18
C MET C 142 4.94 6.74 -12.22
N LYS C 143 5.12 6.10 -11.07
CA LYS C 143 5.96 4.88 -10.98
C LYS C 143 5.41 3.81 -11.91
N LEU C 144 4.10 3.58 -11.91
CA LEU C 144 3.49 2.53 -12.75
C LEU C 144 3.75 2.81 -14.22
N ARG C 145 3.56 4.04 -14.67
CA ARG C 145 3.65 4.38 -16.10
C ARG C 145 5.11 4.41 -16.58
N PHE C 146 6.03 4.95 -15.81
CA PHE C 146 7.40 5.06 -16.25
C PHE C 146 8.15 3.72 -16.15
N MET C 147 7.79 2.87 -15.17
CA MET C 147 8.38 1.53 -15.09
C MET C 147 8.11 0.67 -16.35
N ARG C 148 6.90 0.73 -16.89
CA ARG C 148 6.52 0.01 -18.10
C ARG C 148 7.24 0.53 -19.35
N LEU C 149 7.90 1.69 -19.26
CA LEU C 149 8.77 2.18 -20.32
C LEU C 149 10.23 1.87 -20.02
N GLY C 150 10.48 1.06 -19.01
CA GLY C 150 11.82 0.63 -18.66
C GLY C 150 12.52 1.40 -17.57
N VAL C 151 11.87 2.38 -16.98
CA VAL C 151 12.56 3.18 -15.98
C VAL C 151 12.64 2.42 -14.66
N VAL C 152 13.78 2.51 -14.02
CA VAL C 152 13.96 1.94 -12.69
C VAL C 152 13.57 3.01 -11.70
N CYS C 153 12.51 2.77 -10.92
CA CYS C 153 11.97 3.85 -10.09
C CYS C 153 11.20 3.26 -8.93
N GLU C 154 10.88 4.15 -8.00
CA GLU C 154 10.10 3.76 -6.84
C GLU C 154 9.36 4.98 -6.30
N ALA C 155 8.15 4.74 -5.79
CA ALA C 155 7.33 5.79 -5.20
C ALA C 155 7.35 5.67 -3.69
N LEU C 156 7.58 6.78 -3.02
CA LEU C 156 7.60 6.85 -1.57
C LEU C 156 6.52 7.84 -1.12
N THR C 157 5.71 7.43 -0.13
CA THR C 157 4.56 8.22 0.30
C THR C 157 4.45 8.45 1.82
N ASP C 158 5.54 8.29 2.59
CA ASP C 158 5.54 8.62 4.04
C ASP C 158 6.94 9.03 4.47
N GLN C 159 7.04 9.61 5.66
CA GLN C 159 8.27 10.31 6.04
C GLN C 159 9.44 9.33 6.26
N ASP C 160 9.20 8.21 6.92
CA ASP C 160 10.28 7.24 7.09
C ASP C 160 10.84 6.80 5.73
N GLY C 161 9.96 6.40 4.83
CA GLY C 161 10.37 6.06 3.48
C GLY C 161 11.28 7.09 2.82
N PHE C 162 10.94 8.38 2.97
CA PHE C 162 11.76 9.43 2.36
C PHE C 162 13.20 9.41 2.90
N ALA C 163 13.36 9.32 4.20
CA ALA C 163 14.67 9.45 4.80
C ALA C 163 15.60 8.31 4.39
N TRP C 164 15.06 7.08 4.45
CA TRP C 164 15.84 5.88 4.10
C TRP C 164 16.21 5.89 2.63
N THR C 165 15.35 6.45 1.80
CA THR C 165 15.67 6.57 0.40
C THR C 165 16.72 7.63 0.14
N THR C 166 16.66 8.78 0.81
CA THR C 166 17.67 9.80 0.55
C THR C 166 19.06 9.35 0.97
N SER C 167 19.14 8.53 2.00
CA SER C 167 20.40 8.02 2.56
C SER C 167 21.11 7.06 1.61
N ILE C 168 20.46 6.66 0.52
CA ILE C 168 21.05 5.83 -0.52
C ILE C 168 21.04 6.55 -1.86
N MET C 169 20.85 7.85 -1.86
CA MET C 169 20.95 8.50 -3.15
C MET C 169 22.38 8.87 -3.48
N ASP C 170 22.59 9.21 -4.74
CA ASP C 170 23.87 9.70 -5.23
C ASP C 170 23.63 10.43 -6.54
N GLU C 171 24.71 10.80 -7.21
CA GLU C 171 24.65 11.65 -8.41
C GLU C 171 23.90 11.06 -9.58
N ASN C 172 23.73 9.75 -9.65
CA ASN C 172 22.95 9.12 -10.72
C ASN C 172 21.45 9.07 -10.42
N CYS C 173 20.99 9.82 -9.43
CA CYS C 173 19.61 9.75 -8.97
C CYS C 173 18.86 11.03 -9.30
N LEU C 174 17.53 10.86 -9.46
CA LEU C 174 16.60 11.95 -9.67
C LEU C 174 15.44 11.71 -8.73
N VAL C 175 14.99 12.75 -8.04
CA VAL C 175 13.80 12.64 -7.21
C VAL C 175 12.79 13.70 -7.65
N LEU C 176 11.55 13.27 -7.82
CA LEU C 176 10.46 14.17 -8.17
C LEU C 176 9.61 14.32 -6.93
N GLY C 177 9.42 15.55 -6.47
CA GLY C 177 8.65 15.80 -5.25
C GLY C 177 7.35 16.51 -5.57
N PHE C 178 6.24 15.94 -5.16
CA PHE C 178 4.92 16.48 -5.42
C PHE C 178 4.36 17.10 -4.14
N SER C 179 4.18 18.42 -4.16
CA SER C 179 3.50 19.12 -3.08
C SER C 179 2.71 20.30 -3.67
N LEU C 180 1.40 20.10 -3.78
CA LEU C 180 0.55 21.07 -4.47
C LEU C 180 0.63 22.42 -3.75
N SER C 181 0.51 22.39 -2.43
CA SER C 181 0.70 23.58 -1.60
C SER C 181 2.10 24.14 -1.69
N GLY C 182 3.11 23.27 -1.94
CA GLY C 182 4.51 23.66 -1.87
C GLY C 182 5.07 23.85 -0.49
N SER C 183 4.31 23.51 0.53
CA SER C 183 4.69 23.80 1.90
C SER C 183 4.68 22.55 2.79
N THR C 184 4.54 21.36 2.22
CA THR C 184 4.49 20.15 3.03
C THR C 184 5.93 19.83 3.46
N PRO C 185 6.26 19.96 4.74
CA PRO C 185 7.69 19.93 5.14
C PRO C 185 8.44 18.64 4.82
N SER C 186 7.81 17.49 4.97
CA SER C 186 8.54 16.26 4.68
C SER C 186 9.00 16.21 3.24
N ILE C 187 8.21 16.78 2.33
CA ILE C 187 8.62 16.85 0.94
C ILE C 187 9.75 17.85 0.73
N LEU C 188 9.61 19.07 1.26
CA LEU C 188 10.64 20.08 1.03
C LEU C 188 11.98 19.65 1.64
N ASP C 189 11.92 19.09 2.83
CA ASP C 189 13.14 18.73 3.52
C ASP C 189 13.85 17.59 2.80
N SER C 190 13.12 16.51 2.50
CA SER C 190 13.75 15.34 1.93
C SER C 190 14.34 15.64 0.56
N LEU C 191 13.68 16.50 -0.26
CA LEU C 191 14.31 16.93 -1.50
C LEU C 191 15.62 17.64 -1.21
N LEU C 192 15.64 18.43 -0.12
CA LEU C 192 16.88 19.07 0.31
C LEU C 192 17.94 18.04 0.70
N ASP C 193 17.55 17.01 1.48
CA ASP C 193 18.48 15.89 1.74
C ASP C 193 19.03 15.29 0.44
N ALA C 194 18.16 15.09 -0.55
CA ALA C 194 18.55 14.43 -1.78
C ALA C 194 19.58 15.24 -2.55
N LYS C 195 19.41 16.56 -2.64
CA LYS C 195 20.43 17.40 -3.27
C LYS C 195 21.76 17.29 -2.53
N GLU C 196 21.69 17.21 -1.20
CA GLU C 196 22.89 17.04 -0.38
C GLU C 196 23.60 15.72 -0.72
N MET C 197 22.82 14.67 -1.05
CA MET C 197 23.41 13.39 -1.42
C MET C 197 23.97 13.38 -2.83
N GLY C 198 23.69 14.41 -3.60
CA GLY C 198 24.13 14.49 -4.98
C GLY C 198 23.03 14.33 -5.99
N ALA C 199 21.81 14.04 -5.53
CA ALA C 199 20.73 13.80 -6.43
C ALA C 199 20.22 15.09 -7.05
N LYS C 200 19.75 14.97 -8.27
CA LYS C 200 19.06 16.04 -8.92
C LYS C 200 17.64 16.12 -8.37
N THR C 201 17.05 17.33 -8.41
CA THR C 201 15.77 17.52 -7.74
C THR C 201 14.75 18.30 -8.54
N VAL C 202 13.49 17.87 -8.46
CA VAL C 202 12.38 18.52 -9.13
C VAL C 202 11.22 18.58 -8.13
N LEU C 203 10.77 19.82 -7.83
CA LEU C 203 9.55 20.05 -7.06
C LEU C 203 8.44 20.40 -8.04
N PHE C 204 7.27 19.75 -7.89
CA PHE C 204 6.05 20.18 -8.55
C PHE C 204 5.15 20.87 -7.53
N THR C 205 4.77 22.12 -7.80
CA THR C 205 3.91 22.86 -6.89
C THR C 205 3.09 23.91 -7.62
N SER C 206 1.97 24.31 -7.00
CA SER C 206 1.07 25.32 -7.54
C SER C 206 1.34 26.71 -6.94
N VAL C 207 2.26 26.82 -5.99
CA VAL C 207 2.58 28.07 -5.31
C VAL C 207 4.06 28.39 -5.50
N PRO C 208 4.37 29.35 -6.35
CA PRO C 208 5.77 29.74 -6.54
C PRO C 208 6.41 30.10 -5.21
N ASN C 209 7.73 30.06 -5.15
CA ASN C 209 8.47 30.44 -3.97
C ASN C 209 9.94 30.54 -4.36
N LYS C 210 10.64 31.52 -3.77
CA LYS C 210 12.07 31.71 -4.07
C LYS C 210 12.97 30.73 -3.33
N ASP C 211 12.46 30.06 -2.29
CA ASP C 211 13.21 29.08 -1.51
C ASP C 211 13.10 27.66 -2.07
N SER C 212 12.48 27.52 -3.23
CA SER C 212 12.61 26.36 -4.11
C SER C 212 13.69 26.58 -5.17
N GLN C 213 14.35 27.74 -5.18
CA GLN C 213 15.38 28.01 -6.18
C GLN C 213 16.63 27.15 -5.96
N THR C 214 16.70 26.45 -4.83
CA THR C 214 17.77 25.49 -4.56
C THR C 214 17.62 24.18 -5.33
N TYR C 215 16.45 23.88 -5.90
CA TYR C 215 16.25 22.65 -6.64
C TYR C 215 16.63 22.81 -8.10
N THR C 216 16.98 21.69 -8.73
CA THR C 216 17.28 21.69 -10.17
C THR C 216 16.17 22.30 -11.00
N GLU C 217 14.92 21.94 -10.71
CA GLU C 217 13.79 22.43 -11.49
C GLU C 217 12.61 22.58 -10.55
N THR C 218 11.81 23.61 -10.79
CA THR C 218 10.52 23.73 -10.17
C THR C 218 9.46 23.82 -11.24
N VAL C 219 8.52 22.87 -11.23
CA VAL C 219 7.46 22.85 -12.21
C VAL C 219 6.23 23.45 -11.56
N LEU C 220 5.78 24.59 -12.10
CA LEU C 220 4.56 25.18 -11.60
C LEU C 220 3.36 24.54 -12.24
N VAL C 221 2.42 24.10 -11.40
CA VAL C 221 1.21 23.48 -11.87
C VAL C 221 0.02 24.39 -11.50
N ALA C 222 -1.13 24.02 -11.99
CA ALA C 222 -2.28 24.88 -11.87
C ALA C 222 -2.82 24.85 -10.46
N THR C 223 -3.31 26.00 -10.01
CA THR C 223 -4.12 25.99 -8.84
C THR C 223 -5.50 25.49 -9.17
N HIS C 224 -6.25 25.18 -8.11
CA HIS C 224 -7.65 24.87 -8.26
C HIS C 224 -8.42 26.18 -8.37
N SER C 225 -9.72 26.09 -8.66
CA SER C 225 -10.53 27.29 -8.87
C SER C 225 -11.73 27.38 -7.94
N GLN C 226 -11.85 26.50 -6.91
CA GLN C 226 -12.89 26.68 -5.93
C GLN C 226 -12.29 27.32 -4.69
N PRO C 227 -12.93 28.37 -4.16
CA PRO C 227 -12.39 28.98 -2.94
C PRO C 227 -12.34 28.01 -1.77
N SER C 228 -13.41 27.27 -1.53
CA SER C 228 -13.45 26.38 -0.36
C SER C 228 -12.79 25.05 -0.72
N TYR C 229 -11.90 24.60 0.17
CA TYR C 229 -11.12 23.40 -0.08
C TYR C 229 -12.01 22.21 -0.28
N ILE C 230 -13.08 22.12 0.49
CA ILE C 230 -13.96 20.94 0.41
C ILE C 230 -14.63 20.76 -0.94
N GLN C 231 -14.84 21.85 -1.72
CA GLN C 231 -15.48 21.80 -3.05
C GLN C 231 -14.48 21.63 -4.21
N ARG C 232 -13.19 21.50 -3.94
CA ARG C 232 -12.18 21.42 -5.00
C ARG C 232 -12.22 20.07 -5.73
N ILE C 233 -11.78 20.01 -7.01
CA ILE C 233 -11.69 18.77 -7.84
C ILE C 233 -10.61 17.93 -7.19
N SER C 234 -10.42 16.68 -7.61
CA SER C 234 -9.30 15.83 -7.16
C SER C 234 -8.01 16.63 -7.13
N ALA C 235 -7.28 16.56 -6.02
CA ALA C 235 -5.98 17.22 -5.86
C ALA C 235 -4.92 16.57 -6.75
N GLN C 236 -5.17 15.38 -7.29
CA GLN C 236 -4.21 14.78 -8.23
C GLN C 236 -4.09 15.57 -9.54
N LEU C 237 -5.16 16.23 -9.95
CA LEU C 237 -5.28 16.66 -11.34
C LEU C 237 -4.23 17.65 -11.79
N PRO C 238 -3.92 18.72 -11.04
CA PRO C 238 -2.84 19.61 -11.50
C PRO C 238 -1.56 18.87 -11.81
N MET C 239 -1.24 17.84 -11.02
CA MET C 239 -0.01 17.06 -11.23
C MET C 239 -0.14 16.12 -12.45
N LEU C 240 -1.29 15.50 -12.63
CA LEU C 240 -1.45 14.55 -13.73
C LEU C 240 -1.26 15.23 -15.06
N PHE C 241 -1.77 16.46 -15.21
CA PHE C 241 -1.48 17.22 -16.43
C PHE C 241 0.00 17.23 -16.73
N PHE C 242 0.81 17.58 -15.73
CA PHE C 242 2.20 17.77 -16.04
C PHE C 242 2.92 16.43 -16.18
N ILE C 243 2.49 15.45 -15.41
CA ILE C 243 3.06 14.12 -15.58
C ILE C 243 2.81 13.61 -17.01
N ASP C 244 1.58 13.75 -17.50
CA ASP C 244 1.27 13.30 -18.86
C ASP C 244 2.10 14.08 -19.91
N LEU C 245 2.32 15.37 -19.68
CA LEU C 245 3.20 16.12 -20.57
C LEU C 245 4.60 15.54 -20.55
N ILE C 246 5.14 15.31 -19.37
CA ILE C 246 6.49 14.76 -19.30
C ILE C 246 6.54 13.36 -19.94
N TYR C 247 5.54 12.53 -19.68
CA TYR C 247 5.49 11.20 -20.25
C TYR C 247 5.66 11.24 -21.77
N ALA C 248 4.88 12.06 -22.43
CA ALA C 248 4.91 12.14 -23.90
C ALA C 248 6.27 12.54 -24.44
N TYR C 249 6.90 13.57 -23.82
CA TYR C 249 8.26 13.98 -24.15
C TYR C 249 9.25 12.85 -23.96
N PHE C 250 9.09 12.09 -22.88
CA PHE C 250 10.02 11.04 -22.49
C PHE C 250 9.86 9.83 -23.41
N LEU C 251 8.63 9.55 -23.83
CA LEU C 251 8.39 8.40 -24.67
C LEU C 251 9.12 8.56 -26.00
N GLU C 252 9.35 9.80 -26.44
CA GLU C 252 9.99 10.02 -27.72
C GLU C 252 11.51 10.01 -27.64
N ILE C 253 12.08 9.94 -26.45
CA ILE C 253 13.52 9.72 -26.33
C ILE C 253 13.73 8.22 -26.42
N ASN C 254 14.50 7.77 -27.40
CA ASN C 254 14.79 6.34 -27.59
C ASN C 254 13.52 5.50 -27.59
N ARG C 255 12.55 5.89 -28.41
CA ARG C 255 11.22 5.34 -28.27
C ARG C 255 11.22 3.83 -28.49
N GLU C 256 11.99 3.36 -29.49
CA GLU C 256 11.94 1.94 -29.87
C GLU C 256 12.16 1.00 -28.69
N SER C 257 13.21 1.24 -27.92
CA SER C 257 13.50 0.39 -26.78
C SER C 257 12.41 0.48 -25.71
N LYS C 258 11.83 1.67 -25.53
CA LYS C 258 10.77 1.80 -24.55
C LYS C 258 9.51 1.06 -25.00
N GLU C 259 9.18 1.17 -26.29
CA GLU C 259 8.00 0.46 -26.78
C GLU C 259 8.19 -1.05 -26.65
N LYS C 260 9.41 -1.55 -26.88
CA LYS C 260 9.66 -2.99 -26.65
C LYS C 260 9.40 -3.38 -25.21
N ILE C 261 9.92 -2.63 -24.25
CA ILE C 261 9.62 -3.01 -22.87
C ILE C 261 8.13 -2.92 -22.60
N PHE C 262 7.50 -1.84 -23.10
CA PHE C 262 6.08 -1.67 -22.81
C PHE C 262 5.30 -2.84 -23.36
N ASN C 263 5.59 -3.22 -24.60
CA ASN C 263 4.85 -4.30 -25.24
C ASN C 263 5.19 -5.67 -24.64
N SER C 264 6.29 -5.81 -23.92
CA SER C 264 6.60 -7.13 -23.39
C SER C 264 5.49 -7.65 -22.51
N TYR C 265 4.68 -6.76 -21.94
CA TYR C 265 3.57 -7.17 -21.07
C TYR C 265 2.55 -8.05 -21.80
N TRP C 266 2.47 -7.91 -23.12
CA TRP C 266 1.55 -8.69 -23.94
C TRP C 266 2.22 -9.84 -24.68
N GLU C 267 3.52 -10.09 -24.45
CA GLU C 267 4.22 -11.26 -25.04
C GLU C 267 3.74 -12.54 -24.35
N ASN C 268 4.04 -13.71 -24.93
CA ASN C 268 3.57 -15.01 -24.41
C ASN C 268 4.22 -15.41 -23.08
N LYS C 269 5.26 -14.67 -22.63
CA LYS C 269 5.93 -14.92 -21.34
C LYS C 269 4.92 -15.01 -20.21
N LYS C 270 5.25 -15.70 -19.11
CA LYS C 270 4.28 -15.98 -18.01
C LYS C 270 3.81 -14.67 -17.39
N LEU C 271 2.73 -14.73 -16.60
CA LEU C 271 2.21 -13.57 -15.86
C LEU C 271 2.11 -12.35 -16.79
N ASN C 272 1.19 -12.42 -17.77
CA ASN C 272 0.96 -11.31 -18.73
C ASN C 272 2.12 -10.31 -18.60
N SER D 88 -3.00 -21.26 30.72
CA SER D 88 -4.30 -21.37 30.02
C SER D 88 -4.18 -22.40 28.89
N PRO D 89 -5.25 -23.07 28.44
CA PRO D 89 -5.04 -24.10 27.39
C PRO D 89 -4.74 -23.51 26.01
N LEU D 90 -5.41 -22.39 25.67
CA LEU D 90 -5.15 -21.70 24.41
C LEU D 90 -3.79 -21.03 24.41
N THR D 91 -3.39 -20.42 25.54
CA THR D 91 -2.04 -19.86 25.63
C THR D 91 -0.99 -20.92 25.30
N LYS D 92 -1.21 -22.16 25.78
CA LYS D 92 -0.25 -23.25 25.54
C LYS D 92 -0.12 -23.63 24.05
N ARG D 93 -1.25 -23.71 23.35
CA ARG D 93 -1.24 -24.08 21.93
C ARG D 93 -0.41 -23.10 21.13
N VAL D 94 -0.58 -21.81 21.39
CA VAL D 94 0.16 -20.78 20.67
C VAL D 94 1.66 -20.92 20.96
N LEU D 95 2.03 -20.97 22.25
CA LEU D 95 3.44 -21.07 22.62
C LEU D 95 4.05 -22.40 22.18
N ARG D 96 3.23 -23.45 22.07
CA ARG D 96 3.76 -24.69 21.50
C ARG D 96 4.03 -24.54 20.01
N SER D 97 3.07 -23.96 19.26
CA SER D 97 3.30 -23.71 17.85
C SER D 97 4.58 -22.92 17.66
N TYR D 98 4.84 -21.96 18.56
CA TYR D 98 6.03 -21.14 18.43
C TYR D 98 7.30 -21.96 18.64
N SER D 99 7.39 -22.69 19.76
CA SER D 99 8.61 -23.48 20.01
C SER D 99 8.77 -24.62 18.99
N ASN D 100 7.66 -25.21 18.52
CA ASN D 100 7.73 -26.24 17.49
C ASN D 100 8.40 -25.74 16.21
N MET D 101 7.92 -24.63 15.68
CA MET D 101 8.56 -24.04 14.51
C MET D 101 9.97 -23.54 14.84
N ARG D 102 10.19 -23.07 16.05
CA ARG D 102 11.55 -22.89 16.54
C ARG D 102 12.34 -24.20 16.42
N GLU D 103 11.79 -25.29 16.96
CA GLU D 103 12.49 -26.59 16.97
C GLU D 103 12.72 -27.07 15.55
N GLN D 104 11.70 -26.91 14.69
CA GLN D 104 11.86 -27.27 13.29
C GLN D 104 12.88 -26.39 12.59
N THR D 105 12.78 -25.07 12.76
CA THR D 105 13.68 -24.19 12.03
C THR D 105 15.15 -24.57 12.30
N GLN D 106 15.45 -25.00 13.53
CA GLN D 106 16.79 -25.47 13.84
C GLN D 106 17.29 -26.54 12.88
N ASP D 107 16.41 -27.49 12.57
CA ASP D 107 16.83 -28.63 11.81
C ASP D 107 16.96 -28.32 10.33
N LEU D 108 16.37 -27.20 9.86
CA LEU D 108 16.36 -26.85 8.45
C LEU D 108 17.52 -25.97 8.03
N ILE D 109 18.28 -25.43 8.98
CA ILE D 109 19.15 -24.32 8.62
C ILE D 109 20.35 -24.81 7.82
N ASP D 110 20.57 -24.21 6.67
CA ASP D 110 21.71 -24.52 5.81
C ASP D 110 22.59 -23.28 5.76
N GLU D 111 23.52 -23.18 6.71
CA GLU D 111 24.24 -21.93 6.91
C GLU D 111 25.03 -21.53 5.67
N ILE D 112 25.54 -22.53 4.93
CA ILE D 112 26.28 -22.19 3.72
C ILE D 112 25.34 -21.63 2.64
N GLN D 113 24.11 -22.11 2.58
CA GLN D 113 23.13 -21.51 1.67
C GLN D 113 22.83 -20.05 2.04
N LEU D 114 22.72 -19.75 3.34
CA LEU D 114 22.35 -18.41 3.76
C LEU D 114 23.49 -17.42 3.49
N GLU D 115 24.74 -17.84 3.71
CA GLU D 115 25.86 -16.95 3.41
C GLU D 115 26.01 -16.74 1.91
N ARG D 116 25.63 -17.74 1.12
CA ARG D 116 25.60 -17.59 -0.34
C ARG D 116 24.60 -16.52 -0.75
N ILE D 117 23.43 -16.54 -0.13
CA ILE D 117 22.36 -15.59 -0.48
C ILE D 117 22.76 -14.17 -0.09
N ALA D 118 23.30 -14.00 1.11
CA ALA D 118 23.83 -12.70 1.52
C ALA D 118 24.78 -12.18 0.48
N GLN D 119 25.59 -13.06 -0.08
CA GLN D 119 26.53 -12.63 -1.11
C GLN D 119 25.81 -12.31 -2.41
N LEU D 120 24.76 -13.07 -2.74
CA LEU D 120 23.95 -12.72 -3.92
C LEU D 120 23.35 -11.33 -3.78
N ILE D 121 22.91 -10.97 -2.59
CA ILE D 121 22.36 -9.64 -2.38
C ILE D 121 23.43 -8.58 -2.55
N GLU D 122 24.58 -8.77 -1.88
CA GLU D 122 25.68 -7.80 -1.95
C GLU D 122 26.11 -7.60 -3.40
N ASP D 123 26.20 -8.68 -4.18
CA ASP D 123 26.70 -8.60 -5.55
C ASP D 123 25.63 -8.08 -6.49
N ALA D 124 24.35 -8.24 -6.15
CA ALA D 124 23.28 -7.73 -6.99
C ALA D 124 23.32 -6.21 -7.04
N GLU D 125 22.84 -5.66 -8.16
CA GLU D 125 22.74 -4.23 -8.27
C GLU D 125 21.35 -3.77 -7.78
N ARG D 126 20.30 -4.52 -8.21
CA ARG D 126 18.90 -4.30 -7.87
C ARG D 126 18.32 -5.61 -7.36
N ILE D 127 17.55 -5.53 -6.30
CA ILE D 127 17.06 -6.69 -5.57
C ILE D 127 15.56 -6.53 -5.37
N TYR D 128 14.83 -7.59 -5.58
CA TYR D 128 13.39 -7.57 -5.52
C TYR D 128 12.85 -8.67 -4.62
N PHE D 129 11.76 -8.35 -3.91
CA PHE D 129 11.09 -9.26 -2.98
C PHE D 129 9.64 -9.39 -3.43
N PHE D 130 9.21 -10.60 -3.78
CA PHE D 130 7.84 -10.86 -4.18
C PHE D 130 7.12 -11.71 -3.15
N GLY D 131 5.90 -11.35 -2.83
CA GLY D 131 5.04 -12.21 -2.03
C GLY D 131 3.64 -11.67 -2.01
N THR D 132 2.68 -12.55 -1.74
CA THR D 132 1.30 -12.14 -1.56
C THR D 132 0.85 -12.48 -0.15
N GLY D 133 -0.24 -11.82 0.25
CA GLY D 133 -0.81 -12.02 1.58
C GLY D 133 0.23 -11.74 2.67
N SER D 134 0.32 -12.66 3.62
CA SER D 134 1.32 -12.55 4.69
C SER D 134 2.74 -12.65 4.14
N SER D 135 2.96 -13.39 3.03
CA SER D 135 4.28 -13.41 2.43
C SER D 135 4.58 -12.08 1.80
N GLY D 136 3.53 -11.35 1.39
CA GLY D 136 3.74 -9.98 0.97
C GLY D 136 4.24 -9.10 2.11
N LEU D 137 3.74 -9.34 3.33
CA LEU D 137 4.21 -8.57 4.49
C LEU D 137 5.69 -8.86 4.80
N VAL D 138 6.09 -10.15 4.68
CA VAL D 138 7.49 -10.52 4.82
C VAL D 138 8.36 -9.76 3.82
N ALA D 139 7.93 -9.70 2.55
CA ALA D 139 8.73 -9.03 1.54
C ALA D 139 8.90 -7.54 1.86
N ARG D 140 7.84 -6.89 2.34
CA ARG D 140 7.94 -5.50 2.76
C ARG D 140 8.93 -5.32 3.91
N GLU D 141 8.90 -6.26 4.88
CA GLU D 141 9.82 -6.19 6.02
C GLU D 141 11.25 -6.26 5.55
N MET D 142 11.53 -7.18 4.62
CA MET D 142 12.88 -7.28 4.08
C MET D 142 13.30 -5.98 3.41
N LYS D 143 12.41 -5.42 2.56
CA LYS D 143 12.74 -4.16 1.90
C LYS D 143 13.16 -3.12 2.94
N LEU D 144 12.41 -3.03 4.02
CA LEU D 144 12.69 -2.01 5.01
C LEU D 144 14.09 -2.19 5.57
N ARG D 145 14.44 -3.42 5.99
CA ARG D 145 15.72 -3.68 6.69
C ARG D 145 16.92 -3.56 5.76
N PHE D 146 16.86 -4.03 4.51
CA PHE D 146 18.05 -4.04 3.67
C PHE D 146 18.28 -2.69 3.00
N MET D 147 17.19 -1.95 2.73
CA MET D 147 17.33 -0.57 2.27
C MET D 147 18.11 0.27 3.27
N ARG D 148 17.96 -0.03 4.55
CA ARG D 148 18.68 0.67 5.62
C ARG D 148 20.14 0.24 5.74
N LEU D 149 20.57 -0.80 5.02
CA LEU D 149 21.98 -1.16 4.91
C LEU D 149 22.52 -0.74 3.57
N GLY D 150 21.76 0.04 2.79
CA GLY D 150 22.21 0.55 1.51
C GLY D 150 21.78 -0.24 0.30
N VAL D 151 20.85 -1.16 0.43
CA VAL D 151 20.47 -1.99 -0.70
C VAL D 151 19.44 -1.26 -1.56
N VAL D 152 19.70 -1.21 -2.86
CA VAL D 152 18.73 -0.78 -3.85
C VAL D 152 17.76 -1.93 -4.09
N CYS D 153 16.55 -1.83 -3.53
CA CYS D 153 15.57 -2.92 -3.58
C CYS D 153 14.16 -2.35 -3.64
N GLU D 154 13.18 -3.25 -3.65
CA GLU D 154 11.78 -2.87 -3.85
C GLU D 154 10.94 -4.09 -3.55
N ALA D 155 9.86 -3.92 -2.84
CA ALA D 155 8.95 -5.01 -2.51
C ALA D 155 7.67 -4.90 -3.35
N LEU D 156 7.30 -5.99 -4.00
CA LEU D 156 6.11 -6.03 -4.83
C LEU D 156 5.16 -7.06 -4.25
N THR D 157 3.84 -6.80 -4.32
CA THR D 157 2.87 -7.71 -3.72
C THR D 157 1.61 -7.99 -4.55
N ASP D 158 1.64 -7.74 -5.87
CA ASP D 158 0.59 -8.24 -6.77
C ASP D 158 1.11 -8.55 -8.18
N GLN D 159 0.23 -9.20 -8.96
CA GLN D 159 0.62 -9.84 -10.21
C GLN D 159 1.11 -8.85 -11.25
N ASP D 160 0.44 -7.69 -11.39
CA ASP D 160 0.88 -6.72 -12.38
C ASP D 160 2.24 -6.17 -12.01
N GLY D 161 2.43 -5.90 -10.72
CA GLY D 161 3.73 -5.47 -10.25
C GLY D 161 4.82 -6.49 -10.54
N PHE D 162 4.53 -7.78 -10.36
CA PHE D 162 5.47 -8.79 -10.81
C PHE D 162 5.77 -8.69 -12.30
N ALA D 163 4.72 -8.63 -13.16
CA ALA D 163 4.94 -8.59 -14.60
C ALA D 163 5.76 -7.39 -15.06
N TRP D 164 5.41 -6.20 -14.58
CA TRP D 164 6.10 -5.00 -15.06
C TRP D 164 7.51 -4.95 -14.52
N THR D 165 7.74 -5.46 -13.33
CA THR D 165 9.07 -5.46 -12.74
C THR D 165 10.01 -6.48 -13.41
N THR D 166 9.52 -7.71 -13.63
CA THR D 166 10.37 -8.73 -14.32
C THR D 166 10.73 -8.24 -15.71
N SER D 167 9.83 -7.50 -16.37
CA SER D 167 10.16 -7.02 -17.70
C SER D 167 11.31 -6.03 -17.72
N ILE D 168 11.72 -5.47 -16.58
CA ILE D 168 12.88 -4.59 -16.57
C ILE D 168 14.08 -5.20 -15.85
N MET D 169 14.06 -6.50 -15.58
CA MET D 169 15.21 -7.10 -14.94
C MET D 169 16.24 -7.52 -16.01
N ASP D 170 17.45 -7.78 -15.56
CA ASP D 170 18.53 -8.27 -16.40
C ASP D 170 19.42 -9.16 -15.54
N GLU D 171 20.66 -9.35 -15.96
CA GLU D 171 21.54 -10.32 -15.31
C GLU D 171 22.15 -9.79 -14.02
N ASN D 172 21.99 -8.51 -13.74
CA ASN D 172 22.51 -7.92 -12.51
C ASN D 172 21.45 -7.82 -11.43
N CYS D 173 20.29 -8.46 -11.62
CA CYS D 173 19.20 -8.41 -10.67
C CYS D 173 19.07 -9.73 -9.92
N LEU D 174 18.40 -9.65 -8.78
CA LEU D 174 18.13 -10.78 -7.93
C LEU D 174 16.70 -10.66 -7.42
N VAL D 175 15.95 -11.74 -7.52
CA VAL D 175 14.58 -11.80 -7.02
C VAL D 175 14.42 -12.84 -5.95
N LEU D 176 13.87 -12.45 -4.82
CA LEU D 176 13.58 -13.41 -3.77
C LEU D 176 12.07 -13.57 -3.68
N GLY D 177 11.57 -14.77 -3.93
CA GLY D 177 10.15 -15.05 -3.87
C GLY D 177 9.74 -15.81 -2.64
N PHE D 178 8.66 -15.36 -2.02
CA PHE D 178 8.14 -15.92 -0.79
C PHE D 178 6.79 -16.54 -1.04
N SER D 179 6.70 -17.83 -0.78
CA SER D 179 5.45 -18.58 -0.96
C SER D 179 5.52 -19.74 0.00
N LEU D 180 4.75 -19.68 1.08
CA LEU D 180 4.78 -20.71 2.09
C LEU D 180 4.31 -22.07 1.55
N SER D 181 3.23 -22.05 0.74
CA SER D 181 2.68 -23.26 0.14
C SER D 181 3.56 -23.80 -0.99
N GLY D 182 4.34 -22.94 -1.62
CA GLY D 182 5.00 -23.31 -2.85
C GLY D 182 4.11 -23.32 -4.05
N SER D 183 2.83 -22.98 -3.90
CA SER D 183 1.88 -23.23 -4.97
C SER D 183 1.23 -21.97 -5.54
N THR D 184 1.56 -20.80 -5.03
CA THR D 184 0.96 -19.54 -5.51
C THR D 184 1.46 -19.27 -6.93
N PRO D 185 0.61 -19.40 -7.95
CA PRO D 185 1.12 -19.33 -9.32
C PRO D 185 1.76 -18.02 -9.67
N SER D 186 1.23 -16.91 -9.15
CA SER D 186 1.87 -15.65 -9.49
C SER D 186 3.34 -15.59 -9.07
N ILE D 187 3.69 -16.23 -7.93
CA ILE D 187 5.08 -16.19 -7.47
C ILE D 187 5.97 -17.11 -8.32
N LEU D 188 5.54 -18.35 -8.49
CA LEU D 188 6.34 -19.31 -9.28
C LEU D 188 6.49 -18.83 -10.69
N ASP D 189 5.39 -18.31 -11.28
CA ASP D 189 5.49 -17.81 -12.65
C ASP D 189 6.37 -16.58 -12.72
N SER D 190 6.30 -15.71 -11.71
CA SER D 190 7.15 -14.51 -11.75
C SER D 190 8.63 -14.85 -11.53
N LEU D 191 8.97 -15.85 -10.71
CA LEU D 191 10.39 -16.32 -10.63
C LEU D 191 10.86 -16.90 -11.96
N LEU D 192 9.99 -17.66 -12.62
CA LEU D 192 10.32 -18.15 -13.95
C LEU D 192 10.55 -16.98 -14.92
N ASP D 193 9.68 -15.95 -14.89
CA ASP D 193 9.87 -14.80 -15.78
C ASP D 193 11.18 -14.10 -15.49
N ALA D 194 11.53 -13.96 -14.21
CA ALA D 194 12.77 -13.26 -13.86
C ALA D 194 13.97 -14.05 -14.40
N LYS D 195 13.95 -15.38 -14.21
CA LYS D 195 15.00 -16.23 -14.76
C LYS D 195 15.16 -16.10 -16.25
N GLU D 196 14.04 -16.02 -16.99
CA GLU D 196 14.15 -15.87 -18.44
C GLU D 196 14.86 -14.56 -18.79
N MET D 197 14.75 -13.54 -17.93
CA MET D 197 15.43 -12.27 -18.16
C MET D 197 16.85 -12.25 -17.65
N GLY D 198 17.31 -13.37 -17.10
CA GLY D 198 18.66 -13.53 -16.63
C GLY D 198 18.85 -13.21 -15.17
N ALA D 199 17.81 -12.80 -14.46
CA ALA D 199 17.96 -12.57 -13.04
C ALA D 199 18.19 -13.88 -12.29
N LYS D 200 18.81 -13.76 -11.13
CA LYS D 200 18.89 -14.86 -10.19
C LYS D 200 17.65 -14.89 -9.34
N THR D 201 17.28 -16.09 -8.87
CA THR D 201 15.98 -16.32 -8.26
C THR D 201 16.17 -17.13 -6.99
N VAL D 202 15.42 -16.80 -5.94
CA VAL D 202 15.44 -17.55 -4.69
C VAL D 202 13.99 -17.71 -4.26
N LEU D 203 13.58 -18.93 -4.01
CA LEU D 203 12.24 -19.22 -3.54
C LEU D 203 12.32 -19.65 -2.10
N PHE D 204 11.49 -19.05 -1.25
CA PHE D 204 11.35 -19.47 0.13
C PHE D 204 10.06 -20.23 0.29
N THR D 205 10.11 -21.47 0.77
CA THR D 205 8.88 -22.23 0.89
C THR D 205 9.06 -23.32 1.93
N SER D 206 7.93 -23.77 2.48
CA SER D 206 7.87 -24.82 3.50
C SER D 206 7.64 -26.17 2.85
N VAL D 207 7.34 -26.18 1.54
CA VAL D 207 7.06 -27.39 0.78
C VAL D 207 8.25 -27.70 -0.12
N PRO D 208 9.04 -28.78 0.12
CA PRO D 208 10.13 -29.14 -0.78
C PRO D 208 9.66 -28.98 -2.22
N ASN D 209 10.41 -28.24 -3.05
CA ASN D 209 9.99 -27.90 -4.42
C ASN D 209 9.81 -29.15 -5.27
N LYS D 210 8.83 -29.13 -6.19
CA LYS D 210 8.64 -30.20 -7.17
C LYS D 210 9.26 -29.71 -8.48
N ASP D 211 9.67 -28.42 -8.51
CA ASP D 211 10.28 -27.79 -9.70
C ASP D 211 11.67 -28.36 -9.96
N SER D 212 12.21 -29.18 -9.04
CA SER D 212 13.51 -29.87 -9.22
C SER D 212 14.63 -28.87 -9.53
N GLN D 213 15.10 -28.14 -8.50
CA GLN D 213 16.20 -27.16 -8.62
C GLN D 213 16.05 -26.27 -9.86
N THR D 214 14.93 -25.56 -9.99
CA THR D 214 14.66 -24.65 -11.11
C THR D 214 15.21 -23.27 -10.79
N TYR D 215 15.28 -22.91 -9.51
CA TYR D 215 15.72 -21.56 -9.10
C TYR D 215 17.17 -21.58 -8.64
N THR D 216 17.85 -20.43 -8.65
CA THR D 216 19.24 -20.31 -8.18
C THR D 216 19.36 -20.94 -6.80
N GLU D 217 18.34 -20.75 -5.94
CA GLU D 217 18.32 -21.32 -4.58
C GLU D 217 16.89 -21.62 -4.16
N THR D 218 16.64 -22.63 -3.31
CA THR D 218 15.34 -22.87 -2.70
C THR D 218 15.57 -23.03 -1.22
N VAL D 219 15.10 -22.04 -0.43
CA VAL D 219 15.26 -22.05 1.02
C VAL D 219 14.05 -22.69 1.65
N LEU D 220 14.27 -23.81 2.37
CA LEU D 220 13.17 -24.52 3.06
C LEU D 220 12.94 -23.86 4.41
N VAL D 221 11.69 -23.46 4.71
CA VAL D 221 11.33 -22.84 5.96
C VAL D 221 10.44 -23.80 6.74
N ALA D 222 10.28 -23.51 8.00
CA ALA D 222 9.52 -24.37 8.84
C ALA D 222 8.10 -24.47 8.32
N THR D 223 7.51 -25.63 8.47
CA THR D 223 6.07 -25.79 8.38
C THR D 223 5.40 -25.46 9.70
N HIS D 224 4.17 -24.98 9.60
CA HIS D 224 3.35 -24.76 10.78
C HIS D 224 2.91 -26.10 11.36
N SER D 225 2.92 -26.15 12.70
CA SER D 225 2.53 -27.34 13.43
C SER D 225 1.03 -27.58 13.31
N GLN D 226 0.24 -26.54 13.54
CA GLN D 226 -1.21 -26.70 13.55
C GLN D 226 -1.70 -27.26 12.21
N PRO D 227 -2.63 -28.21 12.22
CA PRO D 227 -3.01 -28.85 10.97
C PRO D 227 -4.02 -28.04 10.16
N SER D 228 -4.93 -27.33 10.85
CA SER D 228 -5.96 -26.53 10.19
C SER D 228 -5.46 -25.11 9.98
N TYR D 229 -5.73 -24.55 8.79
CA TYR D 229 -5.35 -23.17 8.51
C TYR D 229 -5.84 -22.23 9.61
N ILE D 230 -7.10 -22.37 10.02
CA ILE D 230 -7.66 -21.35 10.90
C ILE D 230 -6.90 -21.22 12.21
N GLN D 231 -6.27 -22.28 12.75
CA GLN D 231 -5.63 -22.12 14.08
C GLN D 231 -4.13 -21.90 13.99
N ARG D 232 -3.57 -21.87 12.79
CA ARG D 232 -2.11 -21.68 12.62
C ARG D 232 -1.73 -20.28 13.11
N ILE D 233 -0.46 -20.08 13.50
CA ILE D 233 0.04 -18.78 13.99
C ILE D 233 0.45 -17.95 12.77
N SER D 234 0.94 -16.72 12.98
CA SER D 234 1.33 -15.81 11.88
C SER D 234 2.07 -16.58 10.80
N ALA D 235 1.61 -16.50 9.54
CA ALA D 235 2.23 -17.15 8.39
C ALA D 235 3.58 -16.53 8.08
N GLN D 236 3.83 -15.32 8.59
CA GLN D 236 5.13 -14.69 8.43
C GLN D 236 6.24 -15.45 9.15
N LEU D 237 5.92 -16.12 10.25
CA LEU D 237 6.96 -16.53 11.21
C LEU D 237 8.02 -17.44 10.59
N PRO D 238 7.67 -18.50 9.86
CA PRO D 238 8.74 -19.37 9.31
C PRO D 238 9.70 -18.57 8.47
N MET D 239 9.19 -17.55 7.80
CA MET D 239 9.98 -16.75 6.91
C MET D 239 10.83 -15.75 7.68
N LEU D 240 10.30 -15.21 8.78
CA LEU D 240 11.04 -14.21 9.55
C LEU D 240 12.34 -14.79 10.11
N PHE D 241 12.30 -16.02 10.61
CA PHE D 241 13.52 -16.69 11.06
C PHE D 241 14.63 -16.52 10.04
N PHE D 242 14.36 -16.87 8.77
CA PHE D 242 15.40 -16.89 7.75
C PHE D 242 15.74 -15.50 7.26
N ILE D 243 14.75 -14.59 7.27
CA ILE D 243 14.98 -13.15 7.17
C ILE D 243 16.13 -12.78 8.09
N ASP D 244 15.98 -13.10 9.37
CA ASP D 244 16.96 -12.63 10.35
C ASP D 244 18.32 -13.27 10.10
N LEU D 245 18.32 -14.56 9.78
CA LEU D 245 19.59 -15.28 9.58
C LEU D 245 20.33 -14.67 8.40
N ILE D 246 19.64 -14.48 7.28
CA ILE D 246 20.31 -13.83 6.17
C ILE D 246 20.71 -12.40 6.51
N TYR D 247 19.88 -11.66 7.27
CA TYR D 247 20.27 -10.30 7.66
C TYR D 247 21.63 -10.30 8.37
N ALA D 248 21.79 -11.17 9.36
CA ALA D 248 23.06 -11.28 10.08
C ALA D 248 24.24 -11.50 9.14
N TYR D 249 24.15 -12.51 8.26
CA TYR D 249 25.27 -12.76 7.36
C TYR D 249 25.50 -11.55 6.44
N PHE D 250 24.42 -10.90 5.96
CA PHE D 250 24.59 -9.79 5.03
C PHE D 250 25.23 -8.57 5.69
N LEU D 251 24.88 -8.31 6.95
CA LEU D 251 25.42 -7.14 7.64
C LEU D 251 26.95 -7.20 7.74
N GLU D 252 27.52 -8.40 7.84
CA GLU D 252 28.97 -8.50 7.99
C GLU D 252 29.75 -8.34 6.67
N ILE D 253 29.10 -8.35 5.52
CA ILE D 253 29.81 -8.03 4.28
C ILE D 253 29.87 -6.50 4.20
N ASN D 254 31.07 -5.94 4.12
CA ASN D 254 31.30 -4.49 3.93
C ASN D 254 30.54 -3.68 5.00
N ARG D 255 30.66 -4.09 6.27
CA ARG D 255 29.79 -3.55 7.30
C ARG D 255 29.99 -2.05 7.49
N GLU D 256 31.21 -1.57 7.33
CA GLU D 256 31.51 -0.17 7.58
C GLU D 256 30.56 0.73 6.79
N SER D 257 30.36 0.37 5.51
CA SER D 257 29.50 1.14 4.63
C SER D 257 28.04 0.94 5.01
N LYS D 258 27.71 -0.18 5.63
CA LYS D 258 26.31 -0.45 5.94
C LYS D 258 25.90 0.14 7.28
N GLU D 259 26.73 0.06 8.31
CA GLU D 259 26.41 0.72 9.58
C GLU D 259 26.30 2.24 9.43
N LYS D 260 27.12 2.85 8.59
CA LYS D 260 27.04 4.29 8.35
C LYS D 260 25.73 4.69 7.67
N ILE D 261 25.19 3.85 6.77
CA ILE D 261 23.87 4.12 6.17
C ILE D 261 22.76 3.90 7.17
N PHE D 262 22.89 2.86 8.01
CA PHE D 262 21.87 2.63 9.01
C PHE D 262 21.71 3.83 9.91
N ASN D 263 22.83 4.40 10.35
CA ASN D 263 22.82 5.38 11.42
C ASN D 263 22.51 6.80 10.95
N SER D 264 22.55 7.09 9.63
CA SER D 264 22.16 8.44 9.17
C SER D 264 20.72 8.77 9.54
N TYR D 265 19.88 7.75 9.78
CA TYR D 265 18.46 7.97 10.13
C TYR D 265 18.36 8.70 11.46
N TRP D 266 19.06 8.19 12.48
CA TRP D 266 19.02 8.80 13.82
C TRP D 266 19.77 10.11 13.82
N GLU D 267 20.78 10.26 12.95
CA GLU D 267 21.64 11.46 12.88
C GLU D 267 20.91 12.63 12.22
N ASN D 268 19.61 12.50 11.91
CA ASN D 268 18.79 13.59 11.35
C ASN D 268 17.51 13.70 12.23
C1 BMX E . 11.10 3.53 12.85
C2 BMX E . 11.91 2.29 12.47
C3 BMX E . 11.19 0.98 12.62
C4 BMX E . 10.07 1.04 13.63
C5 BMX E . 9.13 2.25 13.38
C6 BMX E . 8.93 2.99 14.64
C7 BMX E . 13.39 2.30 14.66
C8 BMX E . 12.28 2.29 15.73
N2 BMX E . 13.23 2.31 13.21
O1 BMX E . 11.53 4.61 12.14
O3 BMX E . 12.12 -0.10 12.98
O4 BMX E . 9.32 -0.19 13.68
O5 BMX E . 9.67 3.29 12.52
O6 BMX E . 7.79 2.50 15.25
O7 BMX E . 14.50 2.30 15.01
P BMX E . 7.96 2.03 16.80
O19 BMX E . 9.30 2.49 17.42
O17 BMX E . 6.83 2.59 17.61
O18 BMX E . 7.79 0.54 16.88
H1 BMX E . 11.23 3.72 13.80
H2 BMX E . 12.11 2.34 11.52
H3 BMX E . 10.81 0.77 11.75
H4 BMX E . 10.48 1.13 14.51
H5 BMX E . 8.33 1.86 13.01
NA NA F . 16.72 -9.57 20.04
C1 BMX G . -3.58 -3.61 -15.90
C2 BMX G . -3.11 -2.48 -16.80
C3 BMX G . -3.33 -1.16 -16.17
C4 BMX G . -4.75 -0.94 -15.76
C5 BMX G . -5.28 -2.18 -15.03
C6 BMX G . -6.78 -1.97 -14.93
C7 BMX G . -3.22 -2.49 -19.40
C8 BMX G . -4.07 -2.61 -20.66
N2 BMX G . -3.88 -2.60 -18.10
O1 BMX G . -3.00 -3.51 -14.67
O3 BMX G . -3.03 -0.06 -17.09
O4 BMX G . -4.80 0.29 -14.97
O5 BMX G . -5.06 -3.46 -15.68
O6 BMX G . -7.58 -2.36 -16.02
O7 BMX G . -2.06 -2.29 -19.53
P BMX G . -9.14 -1.80 -16.08
O19 BMX G . -9.85 -2.78 -15.14
O17 BMX G . -9.24 -0.41 -15.43
O18 BMX G . -9.70 -1.87 -17.52
H1 BMX G . -3.33 -4.47 -16.29
H2 BMX G . -2.16 -2.56 -16.99
H3 BMX G . -2.72 -1.14 -15.42
H4 BMX G . -5.34 -0.80 -16.52
H5 BMX G . -4.83 -2.25 -14.17
NA NA H . -5.81 9.72 -24.71
C1 BMX I . -2.75 16.48 3.44
C2 BMX I . -4.06 16.92 2.83
C3 BMX I . -4.19 16.22 1.51
C4 BMX I . -3.07 16.51 0.55
C5 BMX I . -1.73 16.22 1.21
C6 BMX I . -0.63 16.73 0.39
C7 BMX I . -5.16 19.19 2.94
C8 BMX I . -5.01 20.72 2.72
N2 BMX I . -3.98 18.38 2.68
O1 BMX I . -2.89 15.12 3.53
O3 BMX I . -5.42 16.52 0.79
O4 BMX I . -3.31 15.69 -0.63
O5 BMX I . -1.62 16.82 2.54
O6 BMX I . -0.52 18.12 0.39
O7 BMX I . -6.18 18.70 3.31
P BMX I . 0.33 18.72 -0.76
O19 BMX I . 1.66 18.39 -0.31
O17 BMX I . 0.09 18.02 -2.07
O18 BMX I . 0.19 20.21 -0.82
H1 BMX I . -2.57 16.88 4.30
H2 BMX I . -4.83 16.73 3.37
H3 BMX I . -4.22 15.29 1.76
H4 BMX I . -3.03 17.43 0.24
H5 BMX I . -1.64 15.26 1.29
NA NA J . -11.61 23.22 -8.17
C1 BMX K . -3.65 -16.52 0.28
C2 BMX K . -3.89 -16.92 1.70
C3 BMX K . -2.97 -16.19 2.60
C4 BMX K . -1.55 -16.31 2.15
C5 BMX K . -1.33 -15.95 0.68
C6 BMX K . 0.08 -16.28 0.21
C7 BMX K . -4.21 -19.10 2.79
C8 BMX K . -3.93 -20.60 2.97
N2 BMX K . -3.54 -18.35 1.76
O1 BMX K . -3.79 -15.17 0.35
O3 BMX K . -3.14 -16.72 3.96
O4 BMX K . -0.75 -15.49 3.02
O5 BMX K . -2.26 -16.70 -0.17
O6 BMX K . 0.19 -17.69 0.40
O7 BMX K . -4.96 -18.51 3.48
P BMX K . 1.68 -18.36 0.11
O19 BMX K . 1.48 -19.86 0.27
O17 BMX K . 2.20 -17.97 -1.24
O18 BMX K . 2.57 -17.73 1.14
H1 BMX K . -4.25 -17.00 -0.31
H2 BMX K . -4.81 -16.77 1.97
H3 BMX K . -3.21 -15.25 2.63
H4 BMX K . -1.27 -17.23 2.23
H5 BMX K . -1.45 -14.99 0.60
NA NA L . 1.06 -23.44 14.11
#